data_6A1O
# 
_entry.id   6A1O 
# 
_audit_conform.dict_name       mmcif_pdbx.dic 
_audit_conform.dict_version    5.380 
_audit_conform.dict_location   http://mmcif.pdb.org/dictionaries/ascii/mmcif_pdbx.dic 
# 
loop_
_database_2.database_id 
_database_2.database_code 
_database_2.pdbx_database_accession 
_database_2.pdbx_DOI 
PDB   6A1O         pdb_00006a1o 10.2210/pdb6a1o/pdb 
WWPDB D_1300008020 ?            ?                   
# 
_pdbx_database_status.status_code                     REL 
_pdbx_database_status.status_code_sf                  REL 
_pdbx_database_status.status_code_mr                  ? 
_pdbx_database_status.entry_id                        6A1O 
_pdbx_database_status.recvd_initial_deposition_date   2018-06-07 
_pdbx_database_status.SG_entry                        N 
_pdbx_database_status.deposit_site                    PDBJ 
_pdbx_database_status.process_site                    PDBJ 
_pdbx_database_status.status_code_cs                  ? 
_pdbx_database_status.methods_development_category    ? 
_pdbx_database_status.pdb_format_compatible           Y 
_pdbx_database_status.status_code_nmr_data            ? 
# 
loop_
_audit_author.name 
_audit_author.pdbx_ordinal 
_audit_author.identifier_ORCID 
'Karthik, S.'             1 ? 
'Mandal, P.K.'            2 ? 
'Thirugnanasambandam, A.' 3 ? 
'Gautham, N.'             4 ? 
# 
_citation.abstract                  ? 
_citation.abstract_id_CAS           ? 
_citation.book_id_ISBN              ? 
_citation.book_publisher            ? 
_citation.book_publisher_city       ? 
_citation.book_title                ? 
_citation.coordinate_linkage        ? 
_citation.country                   US 
_citation.database_id_Medline       ? 
_citation.details                   ? 
_citation.id                        primary 
_citation.journal_abbrev            'Nucleosides Nucleotides Nucleic Acids' 
_citation.journal_id_ASTM           ? 
_citation.journal_id_CSD            ? 
_citation.journal_id_ISSN           1525-7770 
_citation.journal_full              ? 
_citation.journal_issue             ? 
_citation.journal_volume            38 
_citation.language                  ? 
_citation.page_first                279 
_citation.page_last                 293 
_citation.title                     'Crystal structures of disordered Z-type helices.' 
_citation.year                      2019 
_citation.database_id_CSD           ? 
_citation.pdbx_database_id_DOI      10.1080/15257770.2018.1517883 
_citation.pdbx_database_id_PubMed   30588873 
_citation.unpublished_flag          ? 
# 
loop_
_citation_author.citation_id 
_citation_author.name 
_citation_author.ordinal 
_citation_author.identifier_ORCID 
primary 'Karthik, S.'             1 ? 
primary 'Mandal, P.K.'            2 ? 
primary 'Thirugnanasambandam, A.' 3 ? 
primary 'Gautham, N.'             4 ? 
# 
_cell.angle_alpha                  90.000 
_cell.angle_alpha_esd              ? 
_cell.angle_beta                   90.000 
_cell.angle_beta_esd               ? 
_cell.angle_gamma                  120.000 
_cell.angle_gamma_esd              ? 
_cell.entry_id                     6A1O 
_cell.details                      ? 
_cell.formula_units_Z              ? 
_cell.length_a                     31.112 
_cell.length_a_esd                 ? 
_cell.length_b                     31.112 
_cell.length_b_esd                 ? 
_cell.length_c                     43.044 
_cell.length_c_esd                 ? 
_cell.volume                       ? 
_cell.volume_esd                   ? 
_cell.Z_PDB                        6 
_cell.reciprocal_angle_alpha       ? 
_cell.reciprocal_angle_beta        ? 
_cell.reciprocal_angle_gamma       ? 
_cell.reciprocal_angle_alpha_esd   ? 
_cell.reciprocal_angle_beta_esd    ? 
_cell.reciprocal_angle_gamma_esd   ? 
_cell.reciprocal_length_a          ? 
_cell.reciprocal_length_b          ? 
_cell.reciprocal_length_c          ? 
_cell.reciprocal_length_a_esd      ? 
_cell.reciprocal_length_b_esd      ? 
_cell.reciprocal_length_c_esd      ? 
_cell.pdbx_unique_axis             ? 
# 
_symmetry.entry_id                         6A1O 
_symmetry.cell_setting                     ? 
_symmetry.Int_Tables_number                170 
_symmetry.space_group_name_Hall            ? 
_symmetry.space_group_name_H-M             'P 65' 
_symmetry.pdbx_full_space_group_name_H-M   ? 
# 
loop_
_entity.id 
_entity.type 
_entity.src_method 
_entity.pdbx_description 
_entity.formula_weight 
_entity.pdbx_number_of_molecules 
_entity.pdbx_ec 
_entity.pdbx_mutation 
_entity.pdbx_fragment 
_entity.details 
1 polymer syn 
;DNA (5'-D(P*TP*G)-3')
;
588.441  1 ? ? ? ? 
2 polymer syn 
;DNA (5'-D(P*CP*A)-3')
;
557.431  1 ? ? ? ? 
3 polymer syn 
;DNA (5'-D(P*TP*GP*TP*G)-3')
;
1221.840 1 ? ? ? ? 
4 polymer syn 
;DNA (5'-D(P*CP*AP*CP*A)-3')
;
1159.820 1 ? ? ? ? 
5 water   nat water                         18.015   3 ? ? ? ? 
# 
loop_
_entity_poly.entity_id 
_entity_poly.type 
_entity_poly.nstd_linkage 
_entity_poly.nstd_monomer 
_entity_poly.pdbx_seq_one_letter_code 
_entity_poly.pdbx_seq_one_letter_code_can 
_entity_poly.pdbx_strand_id 
_entity_poly.pdbx_target_identifier 
1 polydeoxyribonucleotide no no '(DT)(DG)'         TG   A ? 
2 polydeoxyribonucleotide no no '(DC)(DA)'         CA   B ? 
3 polydeoxyribonucleotide no no '(DT)(DG)(DT)(DG)' TGTG C ? 
4 polydeoxyribonucleotide no no '(DC)(DA)(DC)(DA)' CACA D ? 
# 
loop_
_entity_poly_seq.entity_id 
_entity_poly_seq.num 
_entity_poly_seq.mon_id 
_entity_poly_seq.hetero 
1 1 DT n 
1 2 DG n 
2 1 DC n 
2 2 DA n 
3 1 DT n 
3 2 DG n 
3 3 DT n 
3 4 DG n 
4 1 DC n 
4 2 DA n 
4 3 DC n 
4 4 DA n 
# 
loop_
_pdbx_entity_src_syn.entity_id 
_pdbx_entity_src_syn.pdbx_src_id 
_pdbx_entity_src_syn.pdbx_alt_source_flag 
_pdbx_entity_src_syn.pdbx_beg_seq_num 
_pdbx_entity_src_syn.pdbx_end_seq_num 
_pdbx_entity_src_syn.organism_scientific 
_pdbx_entity_src_syn.organism_common_name 
_pdbx_entity_src_syn.ncbi_taxonomy_id 
_pdbx_entity_src_syn.details 
1 1 sample 1 2 'synthetic construct' ? 32630 ? 
2 1 sample 1 2 'synthetic construct' ? 32630 ? 
3 1 sample 1 4 'synthetic construct' ? 32630 ? 
4 1 sample 1 4 'synthetic construct' ? 32630 ? 
# 
loop_
_struct_ref.id 
_struct_ref.db_name 
_struct_ref.db_code 
_struct_ref.pdbx_db_accession 
_struct_ref.pdbx_db_isoform 
_struct_ref.entity_id 
_struct_ref.pdbx_seq_one_letter_code 
_struct_ref.pdbx_align_begin 
1 PDB 6A1O 6A1O ? 1 ? 1 
2 PDB 6A1O 6A1O ? 2 ? 1 
3 PDB 6A1O 6A1O ? 3 ? 1 
4 PDB 6A1O 6A1O ? 4 ? 1 
# 
loop_
_struct_ref_seq.align_id 
_struct_ref_seq.ref_id 
_struct_ref_seq.pdbx_PDB_id_code 
_struct_ref_seq.pdbx_strand_id 
_struct_ref_seq.seq_align_beg 
_struct_ref_seq.pdbx_seq_align_beg_ins_code 
_struct_ref_seq.seq_align_end 
_struct_ref_seq.pdbx_seq_align_end_ins_code 
_struct_ref_seq.pdbx_db_accession 
_struct_ref_seq.db_align_beg 
_struct_ref_seq.pdbx_db_align_beg_ins_code 
_struct_ref_seq.db_align_end 
_struct_ref_seq.pdbx_db_align_end_ins_code 
_struct_ref_seq.pdbx_auth_seq_align_beg 
_struct_ref_seq.pdbx_auth_seq_align_end 
1 1 6A1O A 1 ? 2 ? 6A1O 1 ? 2  ? 1 2  
2 2 6A1O B 1 ? 2 ? 6A1O 3 ? 4  ? 3 4  
3 3 6A1O C 1 ? 4 ? 6A1O 5 ? 8  ? 5 8  
4 4 6A1O D 1 ? 4 ? 6A1O 9 ? 12 ? 9 12 
# 
loop_
_chem_comp.id 
_chem_comp.type 
_chem_comp.mon_nstd_flag 
_chem_comp.name 
_chem_comp.pdbx_synonyms 
_chem_comp.formula 
_chem_comp.formula_weight 
DA  'DNA linking' y "2'-DEOXYADENOSINE-5'-MONOPHOSPHATE" ? 'C10 H14 N5 O6 P' 331.222 
DC  'DNA linking' y "2'-DEOXYCYTIDINE-5'-MONOPHOSPHATE"  ? 'C9 H14 N3 O7 P'  307.197 
DG  'DNA linking' y "2'-DEOXYGUANOSINE-5'-MONOPHOSPHATE" ? 'C10 H14 N5 O7 P' 347.221 
DT  'DNA linking' y "THYMIDINE-5'-MONOPHOSPHATE"         ? 'C10 H15 N2 O8 P' 322.208 
HOH non-polymer   . WATER                                ? 'H2 O'            18.015  
# 
_exptl.absorpt_coefficient_mu     ? 
_exptl.absorpt_correction_T_max   ? 
_exptl.absorpt_correction_T_min   ? 
_exptl.absorpt_correction_type    ? 
_exptl.absorpt_process_details    ? 
_exptl.entry_id                   6A1O 
_exptl.crystals_number            1 
_exptl.details                    ? 
_exptl.method                     'X-RAY DIFFRACTION' 
_exptl.method_details             ? 
# 
_exptl_crystal.colour                      ? 
_exptl_crystal.density_diffrn              ? 
_exptl_crystal.density_Matthews            1.70 
_exptl_crystal.density_method              ? 
_exptl_crystal.density_percent_sol         27.85 
_exptl_crystal.description                 
;Authors state that the packing requirement imposes statistical disorder in the molecule leading to only a portion of the molecule to be present in asymmetric unit (One tetramer and a dinucleotide step). Hence the terminal phosphate atoms appears to be in close contact with the symmetry related terminal oxygens.
;
_exptl_crystal.F_000                       ? 
_exptl_crystal.id                          1 
_exptl_crystal.preparation                 ? 
_exptl_crystal.size_max                    ? 
_exptl_crystal.size_mid                    ? 
_exptl_crystal.size_min                    ? 
_exptl_crystal.size_rad                    ? 
_exptl_crystal.colour_lustre               ? 
_exptl_crystal.colour_modifier             ? 
_exptl_crystal.colour_primary              ? 
_exptl_crystal.density_meas                ? 
_exptl_crystal.density_meas_esd            ? 
_exptl_crystal.density_meas_gt             ? 
_exptl_crystal.density_meas_lt             ? 
_exptl_crystal.density_meas_temp           ? 
_exptl_crystal.density_meas_temp_esd       ? 
_exptl_crystal.density_meas_temp_gt        ? 
_exptl_crystal.density_meas_temp_lt        ? 
_exptl_crystal.pdbx_crystal_image_url      ? 
_exptl_crystal.pdbx_crystal_image_format   ? 
_exptl_crystal.pdbx_mosaicity              ? 
_exptl_crystal.pdbx_mosaicity_esd          ? 
# 
_exptl_crystal_grow.apparatus       ? 
_exptl_crystal_grow.atmosphere      ? 
_exptl_crystal_grow.crystal_id      1 
_exptl_crystal_grow.details         ? 
_exptl_crystal_grow.method          'VAPOR DIFFUSION, HANGING DROP' 
_exptl_crystal_grow.method_ref      ? 
_exptl_crystal_grow.pH              7.0 
_exptl_crystal_grow.pressure        ? 
_exptl_crystal_grow.pressure_esd    ? 
_exptl_crystal_grow.seeding         ? 
_exptl_crystal_grow.seeding_ref     ? 
_exptl_crystal_grow.temp            293 
_exptl_crystal_grow.temp_details    ? 
_exptl_crystal_grow.temp_esd        ? 
_exptl_crystal_grow.time            ? 
_exptl_crystal_grow.pdbx_details    '1mM DNA, 50mM sodium cacodylate trihydrate buffer, 50mM CaCl2, 50% MPD.' 
_exptl_crystal_grow.pdbx_pH_range   ? 
# 
_diffrn.ambient_environment    ? 
_diffrn.ambient_temp           100 
_diffrn.ambient_temp_details   ? 
_diffrn.ambient_temp_esd       ? 
_diffrn.crystal_id             1 
_diffrn.crystal_support        ? 
_diffrn.crystal_treatment      ? 
_diffrn.details                ? 
_diffrn.id                     1 
_diffrn.ambient_pressure       ? 
_diffrn.ambient_pressure_esd   ? 
_diffrn.ambient_pressure_gt    ? 
_diffrn.ambient_pressure_lt    ? 
_diffrn.ambient_temp_gt        ? 
_diffrn.ambient_temp_lt        ? 
# 
_diffrn_detector.details                      ? 
_diffrn_detector.detector                     'IMAGE PLATE' 
_diffrn_detector.diffrn_id                    1 
_diffrn_detector.type                         'MAR scanner 345 mm plate' 
_diffrn_detector.area_resol_mean              ? 
_diffrn_detector.dtime                        ? 
_diffrn_detector.pdbx_frames_total            ? 
_diffrn_detector.pdbx_collection_time_total   ? 
_diffrn_detector.pdbx_collection_date         2006-10-22 
# 
_diffrn_radiation.collimation                      ? 
_diffrn_radiation.diffrn_id                        1 
_diffrn_radiation.filter_edge                      ? 
_diffrn_radiation.inhomogeneity                    ? 
_diffrn_radiation.monochromator                    ? 
_diffrn_radiation.polarisn_norm                    ? 
_diffrn_radiation.polarisn_ratio                   ? 
_diffrn_radiation.probe                            ? 
_diffrn_radiation.type                             ? 
_diffrn_radiation.xray_symbol                      ? 
_diffrn_radiation.wavelength_id                    1 
_diffrn_radiation.pdbx_monochromatic_or_laue_m_l   M 
_diffrn_radiation.pdbx_wavelength_list             ? 
_diffrn_radiation.pdbx_wavelength                  ? 
_diffrn_radiation.pdbx_diffrn_protocol             'SINGLE WAVELENGTH' 
_diffrn_radiation.pdbx_analyzer                    ? 
_diffrn_radiation.pdbx_scattering_type             x-ray 
# 
_diffrn_radiation_wavelength.id           1 
_diffrn_radiation_wavelength.wavelength   1.5418 
_diffrn_radiation_wavelength.wt           1.0 
# 
_diffrn_source.current                     ? 
_diffrn_source.details                     ? 
_diffrn_source.diffrn_id                   1 
_diffrn_source.power                       ? 
_diffrn_source.size                        ? 
_diffrn_source.source                      'ROTATING ANODE' 
_diffrn_source.target                      ? 
_diffrn_source.type                        'BRUKER AXS MICROSTAR' 
_diffrn_source.voltage                     ? 
_diffrn_source.take-off_angle              ? 
_diffrn_source.pdbx_wavelength_list        1.5418 
_diffrn_source.pdbx_wavelength             ? 
_diffrn_source.pdbx_synchrotron_beamline   ? 
_diffrn_source.pdbx_synchrotron_site       ? 
# 
_reflns.B_iso_Wilson_estimate            ? 
_reflns.entry_id                         6A1O 
_reflns.data_reduction_details           ? 
_reflns.data_reduction_method            ? 
_reflns.d_resolution_high                2.490 
_reflns.d_resolution_low                 16.816 
_reflns.details                          ? 
_reflns.limit_h_max                      ? 
_reflns.limit_h_min                      ? 
_reflns.limit_k_max                      ? 
_reflns.limit_k_min                      ? 
_reflns.limit_l_max                      ? 
_reflns.limit_l_min                      ? 
_reflns.number_all                       ? 
_reflns.number_obs                       1584 
_reflns.observed_criterion               ? 
_reflns.observed_criterion_F_max         ? 
_reflns.observed_criterion_F_min         ? 
_reflns.observed_criterion_I_max         ? 
_reflns.observed_criterion_I_min         ? 
_reflns.observed_criterion_sigma_F       ? 
_reflns.observed_criterion_sigma_I       ? 
_reflns.percent_possible_obs             97.100 
_reflns.R_free_details                   ? 
_reflns.Rmerge_F_all                     ? 
_reflns.Rmerge_F_obs                     ? 
_reflns.Friedel_coverage                 ? 
_reflns.number_gt                        ? 
_reflns.threshold_expression             ? 
_reflns.pdbx_redundancy                  4.384 
_reflns.pdbx_Rmerge_I_obs                0.084 
_reflns.pdbx_Rmerge_I_all                ? 
_reflns.pdbx_Rsym_value                  ? 
_reflns.pdbx_netI_over_av_sigmaI         ? 
_reflns.pdbx_netI_over_sigmaI            9.950 
_reflns.pdbx_res_netI_over_av_sigmaI_2   ? 
_reflns.pdbx_res_netI_over_sigmaI_2      ? 
_reflns.pdbx_chi_squared                 0.954 
_reflns.pdbx_scaling_rejects             ? 
_reflns.pdbx_d_res_high_opt              ? 
_reflns.pdbx_d_res_low_opt               ? 
_reflns.pdbx_d_res_opt_method            ? 
_reflns.phase_calculation_details        ? 
_reflns.pdbx_Rrim_I_all                  0.096 
_reflns.pdbx_Rpim_I_all                  ? 
_reflns.pdbx_d_opt                       ? 
_reflns.pdbx_number_measured_all         6944 
_reflns.pdbx_diffrn_id                   1 
_reflns.pdbx_ordinal                     1 
_reflns.pdbx_CC_half                     0.996 
_reflns.pdbx_R_split                     ? 
# 
loop_
_reflns_shell.d_res_high 
_reflns_shell.d_res_low 
_reflns_shell.meanI_over_sigI_all 
_reflns_shell.meanI_over_sigI_obs 
_reflns_shell.number_measured_all 
_reflns_shell.number_measured_obs 
_reflns_shell.number_possible 
_reflns_shell.number_unique_all 
_reflns_shell.number_unique_obs 
_reflns_shell.percent_possible_all 
_reflns_shell.percent_possible_obs 
_reflns_shell.Rmerge_F_all 
_reflns_shell.Rmerge_F_obs 
_reflns_shell.Rmerge_I_all 
_reflns_shell.Rmerge_I_obs 
_reflns_shell.meanI_over_sigI_gt 
_reflns_shell.meanI_over_uI_all 
_reflns_shell.meanI_over_uI_gt 
_reflns_shell.number_measured_gt 
_reflns_shell.number_unique_gt 
_reflns_shell.percent_possible_gt 
_reflns_shell.Rmerge_F_gt 
_reflns_shell.Rmerge_I_gt 
_reflns_shell.pdbx_redundancy 
_reflns_shell.pdbx_Rsym_value 
_reflns_shell.pdbx_chi_squared 
_reflns_shell.pdbx_netI_over_sigmaI_all 
_reflns_shell.pdbx_netI_over_sigmaI_obs 
_reflns_shell.pdbx_Rrim_I_all 
_reflns_shell.pdbx_Rpim_I_all 
_reflns_shell.pdbx_rejects 
_reflns_shell.pdbx_ordinal 
_reflns_shell.pdbx_diffrn_id 
_reflns_shell.pdbx_CC_half 
_reflns_shell.pdbx_R_split 
2.490 2.640  ? 6.240  ? ? ? ? 257 97.000  ? ? ? ? 0.171 ? ? ? ? ? ? ? ? 4.397 ? ? ? ? 0.194 ? ? 1 1 0.989 ? 
2.640 2.810  ? 5.720  ? ? ? ? 232 95.500  ? ? ? ? 0.199 ? ? ? ? ? ? ? ? 4.397 ? ? ? ? 0.226 ? ? 2 1 0.981 ? 
2.810 3.030  ? 7.650  ? ? ? ? 215 96.400  ? ? ? ? 0.123 ? ? ? ? ? ? ? ? 4.386 ? ? ? ? 0.140 ? ? 3 1 0.995 ? 
3.030 3.310  ? 8.810  ? ? ? ? 207 97.200  ? ? ? ? 0.103 ? ? ? ? ? ? ? ? 4.396 ? ? ? ? 0.118 ? ? 4 1 0.995 ? 
3.310 3.680  ? 12.260 ? ? ? ? 172 97.200  ? ? ? ? 0.081 ? ? ? ? ? ? ? ? 4.424 ? ? ? ? 0.093 ? ? 5 1 0.996 ? 
3.680 4.220  ? 13.570 ? ? ? ? 170 98.800  ? ? ? ? 0.070 ? ? ? ? ? ? ? ? 4.341 ? ? ? ? 0.080 ? ? 6 1 0.998 ? 
4.220 5.090  ? 15.230 ? ? ? ? 149 98.700  ? ? ? ? 0.066 ? ? ? ? ? ? ? ? 4.349 ? ? ? ? 0.075 ? ? 7 1 0.996 ? 
5.090 6.890  ? 15.810 ? ? ? ? 109 100.000 ? ? ? ? 0.073 ? ? ? ? ? ? ? ? 4.358 ? ? ? ? 0.083 ? ? 8 1 0.992 ? 
6.890 16.816 ? 13.120 ? ? ? ? 73  92.400  ? ? ? ? 0.056 ? ? ? ? ? ? ? ? 4.370 ? ? ? ? 0.065 ? ? 9 1 0.999 ? 
# 
_refine.aniso_B[1][1]                            ? 
_refine.aniso_B[1][2]                            ? 
_refine.aniso_B[1][3]                            ? 
_refine.aniso_B[2][2]                            ? 
_refine.aniso_B[2][3]                            ? 
_refine.aniso_B[3][3]                            ? 
_refine.B_iso_max                                63.020 
_refine.B_iso_mean                               21.6559 
_refine.B_iso_min                                5.610 
_refine.correlation_coeff_Fo_to_Fc               ? 
_refine.correlation_coeff_Fo_to_Fc_free          ? 
_refine.details                                  ? 
_refine.diff_density_max                         ? 
_refine.diff_density_max_esd                     ? 
_refine.diff_density_min                         ? 
_refine.diff_density_min_esd                     ? 
_refine.diff_density_rms                         ? 
_refine.diff_density_rms_esd                     ? 
_refine.entry_id                                 6A1O 
_refine.pdbx_refine_id                           'X-RAY DIFFRACTION' 
_refine.ls_abs_structure_details                 ? 
_refine.ls_abs_structure_Flack                   ? 
_refine.ls_abs_structure_Flack_esd               ? 
_refine.ls_abs_structure_Rogers                  ? 
_refine.ls_abs_structure_Rogers_esd              ? 
_refine.ls_d_res_high                            2.4900 
_refine.ls_d_res_low                             16.8160 
_refine.ls_extinction_coef                       ? 
_refine.ls_extinction_coef_esd                   ? 
_refine.ls_extinction_expression                 ? 
_refine.ls_extinction_method                     ? 
_refine.ls_goodness_of_fit_all                   ? 
_refine.ls_goodness_of_fit_all_esd               ? 
_refine.ls_goodness_of_fit_obs                   ? 
_refine.ls_goodness_of_fit_obs_esd               ? 
_refine.ls_hydrogen_treatment                    ? 
_refine.ls_matrix_type                           ? 
_refine.ls_number_constraints                    ? 
_refine.ls_number_parameters                     ? 
_refine.ls_number_reflns_all                     ? 
_refine.ls_number_reflns_obs                     1584 
_refine.ls_number_reflns_R_free                  161 
_refine.ls_number_reflns_R_work                  ? 
_refine.ls_number_restraints                     ? 
_refine.ls_percent_reflns_obs                    97.1200 
_refine.ls_percent_reflns_R_free                 10.1600 
_refine.ls_R_factor_all                          ? 
_refine.ls_R_factor_obs                          0.2745 
_refine.ls_R_factor_R_free                       0.2994 
_refine.ls_R_factor_R_free_error                 ? 
_refine.ls_R_factor_R_free_error_details         ? 
_refine.ls_R_factor_R_work                       0.2799 
_refine.ls_R_Fsqd_factor_obs                     ? 
_refine.ls_R_I_factor_obs                        ? 
_refine.ls_redundancy_reflns_all                 ? 
_refine.ls_redundancy_reflns_obs                 ? 
_refine.ls_restrained_S_all                      ? 
_refine.ls_restrained_S_obs                      ? 
_refine.ls_shift_over_esd_max                    ? 
_refine.ls_shift_over_esd_mean                   ? 
_refine.ls_structure_factor_coef                 ? 
_refine.ls_weighting_details                     ? 
_refine.ls_weighting_scheme                      ? 
_refine.ls_wR_factor_all                         ? 
_refine.ls_wR_factor_obs                         ? 
_refine.ls_wR_factor_R_free                      ? 
_refine.ls_wR_factor_R_work                      ? 
_refine.occupancy_max                            ? 
_refine.occupancy_min                            ? 
_refine.solvent_model_details                    ? 
_refine.solvent_model_param_bsol                 ? 
_refine.solvent_model_param_ksol                 ? 
_refine.ls_R_factor_gt                           ? 
_refine.ls_goodness_of_fit_gt                    ? 
_refine.ls_goodness_of_fit_ref                   ? 
_refine.ls_shift_over_su_max                     ? 
_refine.ls_shift_over_su_max_lt                  ? 
_refine.ls_shift_over_su_mean                    ? 
_refine.ls_shift_over_su_mean_lt                 ? 
_refine.pdbx_ls_sigma_I                          ? 
_refine.pdbx_ls_sigma_F                          1.410 
_refine.pdbx_ls_sigma_Fsqd                       ? 
_refine.pdbx_data_cutoff_high_absF               ? 
_refine.pdbx_data_cutoff_high_rms_absF           ? 
_refine.pdbx_data_cutoff_low_absF                ? 
_refine.pdbx_isotropic_thermal_model             ? 
_refine.pdbx_ls_cross_valid_method               'FREE R-VALUE' 
_refine.pdbx_method_to_determine_struct          'MOLECULAR REPLACEMENT' 
_refine.pdbx_starting_model                      1D53 
_refine.pdbx_stereochemistry_target_values       ? 
_refine.pdbx_R_Free_selection_details            ? 
_refine.pdbx_stereochem_target_val_spec_case     ? 
_refine.pdbx_overall_ESU_R                       ? 
_refine.pdbx_overall_ESU_R_Free                  ? 
_refine.pdbx_solvent_vdw_probe_radii             1.1100 
_refine.pdbx_solvent_ion_probe_radii             ? 
_refine.pdbx_solvent_shrinkage_radii             0.9000 
_refine.pdbx_real_space_R                        ? 
_refine.pdbx_density_correlation                 ? 
_refine.pdbx_pd_number_of_powder_patterns        ? 
_refine.pdbx_pd_number_of_points                 ? 
_refine.pdbx_pd_meas_number_of_points            ? 
_refine.pdbx_pd_proc_ls_prof_R_factor            ? 
_refine.pdbx_pd_proc_ls_prof_wR_factor           ? 
_refine.pdbx_pd_Marquardt_correlation_coeff      ? 
_refine.pdbx_pd_Fsqrd_R_factor                   ? 
_refine.pdbx_pd_ls_matrix_band_width             ? 
_refine.pdbx_overall_phase_error                 35.6100 
_refine.pdbx_overall_SU_R_free_Cruickshank_DPI   ? 
_refine.pdbx_overall_SU_R_free_Blow_DPI          ? 
_refine.pdbx_overall_SU_R_Blow_DPI               ? 
_refine.pdbx_TLS_residual_ADP_flag               ? 
_refine.pdbx_diffrn_id                           1 
_refine.overall_SU_B                             ? 
_refine.overall_SU_ML                            ? 
_refine.overall_SU_R_Cruickshank_DPI             ? 
_refine.overall_SU_R_free                        ? 
_refine.overall_FOM_free_R_set                   ? 
_refine.overall_FOM_work_R_set                   ? 
_refine.pdbx_average_fsc_overall                 ? 
_refine.pdbx_average_fsc_work                    ? 
_refine.pdbx_average_fsc_free                    ? 
# 
_refine_hist.cycle_id                         final 
_refine_hist.pdbx_refine_id                   'X-RAY DIFFRACTION' 
_refine_hist.d_res_high                       2.4900 
_refine_hist.d_res_low                        16.8160 
_refine_hist.pdbx_number_atoms_ligand         0 
_refine_hist.number_atoms_solvent             3 
_refine_hist.number_atoms_total               249 
_refine_hist.pdbx_number_residues_total       12 
_refine_hist.pdbx_B_iso_mean_solvent          55.06 
_refine_hist.pdbx_number_atoms_protein        0 
_refine_hist.pdbx_number_atoms_nucleic_acid   246 
# 
loop_
_refine_ls_restr.pdbx_refine_id 
_refine_ls_restr.criterion 
_refine_ls_restr.dev_ideal 
_refine_ls_restr.dev_ideal_target 
_refine_ls_restr.number 
_refine_ls_restr.rejects 
_refine_ls_restr.type 
_refine_ls_restr.weight 
_refine_ls_restr.pdbx_restraint_function 
'X-RAY DIFFRACTION' ? 0.009  ? 272 ? f_bond_d           ? ? 
'X-RAY DIFFRACTION' ? 1.236  ? 410 ? f_angle_d          ? ? 
'X-RAY DIFFRACTION' ? 0.089  ? 48  ? f_chiral_restr     ? ? 
'X-RAY DIFFRACTION' ? 0.005  ? 12  ? f_plane_restr      ? ? 
'X-RAY DIFFRACTION' ? 33.515 ? 108 ? f_dihedral_angle_d ? ? 
# 
_refine_ls_shell.pdbx_refine_id                   'X-RAY DIFFRACTION' 
_refine_ls_shell.d_res_high                       2.5068 
_refine_ls_shell.d_res_low                        14.6302 
_refine_ls_shell.number_reflns_all                1554 
_refine_ls_shell.number_reflns_obs                ? 
_refine_ls_shell.number_reflns_R_free             160 
_refine_ls_shell.number_reflns_R_work             1394 
_refine_ls_shell.percent_reflns_obs               87.0000 
_refine_ls_shell.percent_reflns_R_free            ? 
_refine_ls_shell.R_factor_all                     ? 
_refine_ls_shell.R_factor_obs                     ? 
_refine_ls_shell.R_factor_R_free                  0.2882 
_refine_ls_shell.R_factor_R_free_error            0.0000 
_refine_ls_shell.R_factor_R_work                  0.2722 
_refine_ls_shell.redundancy_reflns_all            ? 
_refine_ls_shell.redundancy_reflns_obs            ? 
_refine_ls_shell.wR_factor_all                    ? 
_refine_ls_shell.wR_factor_obs                    ? 
_refine_ls_shell.wR_factor_R_free                 ? 
_refine_ls_shell.wR_factor_R_work                 ? 
_refine_ls_shell.pdbx_total_number_of_bins_used   1 
_refine_ls_shell.pdbx_phase_error                 ? 
_refine_ls_shell.pdbx_fsc_work                    ? 
_refine_ls_shell.pdbx_fsc_free                    ? 
# 
_struct.entry_id                     6A1O 
_struct.title                        'Crystal structures of disordered Z-type helices' 
_struct.pdbx_model_details           ? 
_struct.pdbx_formula_weight          ? 
_struct.pdbx_formula_weight_method   ? 
_struct.pdbx_model_type_details      ? 
_struct.pdbx_CASP_flag               N 
# 
_struct_keywords.entry_id        6A1O 
_struct_keywords.text            'Decameric sequence, left handed Z-DNA duplex, discontinuous helices, hexagonal space group, DNA' 
_struct_keywords.pdbx_keywords   DNA 
# 
loop_
_struct_asym.id 
_struct_asym.pdbx_blank_PDB_chainid_flag 
_struct_asym.pdbx_modified 
_struct_asym.entity_id 
_struct_asym.details 
A N N 1 ? 
B N N 2 ? 
C N N 3 ? 
D N N 4 ? 
E N N 5 ? 
F N N 5 ? 
# 
loop_
_struct_conn.id 
_struct_conn.conn_type_id 
_struct_conn.pdbx_leaving_atom_flag 
_struct_conn.pdbx_PDB_id 
_struct_conn.ptnr1_label_asym_id 
_struct_conn.ptnr1_label_comp_id 
_struct_conn.ptnr1_label_seq_id 
_struct_conn.ptnr1_label_atom_id 
_struct_conn.pdbx_ptnr1_label_alt_id 
_struct_conn.pdbx_ptnr1_PDB_ins_code 
_struct_conn.pdbx_ptnr1_standard_comp_id 
_struct_conn.ptnr1_symmetry 
_struct_conn.ptnr2_label_asym_id 
_struct_conn.ptnr2_label_comp_id 
_struct_conn.ptnr2_label_seq_id 
_struct_conn.ptnr2_label_atom_id 
_struct_conn.pdbx_ptnr2_label_alt_id 
_struct_conn.pdbx_ptnr2_PDB_ins_code 
_struct_conn.ptnr1_auth_asym_id 
_struct_conn.ptnr1_auth_comp_id 
_struct_conn.ptnr1_auth_seq_id 
_struct_conn.ptnr2_auth_asym_id 
_struct_conn.ptnr2_auth_comp_id 
_struct_conn.ptnr2_auth_seq_id 
_struct_conn.ptnr2_symmetry 
_struct_conn.pdbx_ptnr3_label_atom_id 
_struct_conn.pdbx_ptnr3_label_seq_id 
_struct_conn.pdbx_ptnr3_label_comp_id 
_struct_conn.pdbx_ptnr3_label_asym_id 
_struct_conn.pdbx_ptnr3_label_alt_id 
_struct_conn.pdbx_ptnr3_PDB_ins_code 
_struct_conn.details 
_struct_conn.pdbx_dist_value 
_struct_conn.pdbx_value_order 
_struct_conn.pdbx_role 
hydrog1  hydrog ? ? A DT 1 N3 ? ? ? 1_555 B DA 2 N1 ? ? A DT 1 B DA 4  1_555 ? ? ? ? ? ? WATSON-CRICK ? ? ? 
hydrog2  hydrog ? ? A DT 1 O4 ? ? ? 1_555 B DA 2 N6 ? ? A DT 1 B DA 4  1_555 ? ? ? ? ? ? WATSON-CRICK ? ? ? 
hydrog3  hydrog ? ? A DG 2 N1 ? ? ? 1_555 B DC 1 N3 ? ? A DG 2 B DC 3  1_555 ? ? ? ? ? ? WATSON-CRICK ? ? ? 
hydrog4  hydrog ? ? A DG 2 N2 ? ? ? 1_555 B DC 1 O2 ? ? A DG 2 B DC 3  1_555 ? ? ? ? ? ? WATSON-CRICK ? ? ? 
hydrog5  hydrog ? ? A DG 2 O6 ? ? ? 1_555 B DC 1 N4 ? ? A DG 2 B DC 3  1_555 ? ? ? ? ? ? WATSON-CRICK ? ? ? 
hydrog6  hydrog ? ? C DT 1 N3 ? ? ? 1_555 D DA 4 N1 ? ? C DT 5 D DA 12 1_555 ? ? ? ? ? ? WATSON-CRICK ? ? ? 
hydrog7  hydrog ? ? C DT 1 O4 ? ? ? 1_555 D DA 4 N6 ? ? C DT 5 D DA 12 1_555 ? ? ? ? ? ? WATSON-CRICK ? ? ? 
hydrog8  hydrog ? ? C DG 2 N1 ? ? ? 1_555 D DC 3 N3 ? ? C DG 6 D DC 11 1_555 ? ? ? ? ? ? WATSON-CRICK ? ? ? 
hydrog9  hydrog ? ? C DG 2 N2 ? ? ? 1_555 D DC 3 O2 ? ? C DG 6 D DC 11 1_555 ? ? ? ? ? ? WATSON-CRICK ? ? ? 
hydrog10 hydrog ? ? C DG 2 O6 ? ? ? 1_555 D DC 3 N4 ? ? C DG 6 D DC 11 1_555 ? ? ? ? ? ? WATSON-CRICK ? ? ? 
hydrog11 hydrog ? ? C DT 3 N3 ? ? ? 1_555 D DA 2 N1 ? ? C DT 7 D DA 10 1_555 ? ? ? ? ? ? WATSON-CRICK ? ? ? 
hydrog12 hydrog ? ? C DT 3 O4 ? ? ? 1_555 D DA 2 N6 ? ? C DT 7 D DA 10 1_555 ? ? ? ? ? ? WATSON-CRICK ? ? ? 
hydrog13 hydrog ? ? C DG 4 N1 ? ? ? 1_555 D DC 1 N3 ? ? C DG 8 D DC 9  1_555 ? ? ? ? ? ? WATSON-CRICK ? ? ? 
hydrog14 hydrog ? ? C DG 4 N2 ? ? ? 1_555 D DC 1 O2 ? ? C DG 8 D DC 9  1_555 ? ? ? ? ? ? WATSON-CRICK ? ? ? 
hydrog15 hydrog ? ? C DG 4 O6 ? ? ? 1_555 D DC 1 N4 ? ? C DG 8 D DC 9  1_555 ? ? ? ? ? ? WATSON-CRICK ? ? ? 
# 
_struct_conn_type.id          hydrog 
_struct_conn_type.criteria    ? 
_struct_conn_type.reference   ? 
# 
_atom_sites.entry_id                    6A1O 
_atom_sites.fract_transf_matrix[1][1]   0.03095842 
_atom_sites.fract_transf_matrix[1][2]   -0.00839046 
_atom_sites.fract_transf_matrix[1][3]   0.01867209 
_atom_sites.fract_transf_matrix[2][1]   0.02664697 
_atom_sites.fract_transf_matrix[2][2]   0.02549647 
_atom_sites.fract_transf_matrix[2][3]   0.00416147 
_atom_sites.fract_transf_matrix[3][1]   -0.00995148 
_atom_sites.fract_transf_matrix[3][2]   0.00718083 
_atom_sites.fract_transf_matrix[3][3]   0.01972637 
_atom_sites.fract_transf_vector[1]      1.504444 
_atom_sites.fract_transf_vector[2]      1.258693 
_atom_sites.fract_transf_vector[3]      -0.471553 
# 
loop_
_atom_type.symbol 
C 
N 
O 
P 
# 
loop_
_atom_site.group_PDB 
_atom_site.id 
_atom_site.type_symbol 
_atom_site.label_atom_id 
_atom_site.label_alt_id 
_atom_site.label_comp_id 
_atom_site.label_asym_id 
_atom_site.label_entity_id 
_atom_site.label_seq_id 
_atom_site.pdbx_PDB_ins_code 
_atom_site.Cartn_x 
_atom_site.Cartn_y 
_atom_site.Cartn_z 
_atom_site.occupancy 
_atom_site.B_iso_or_equiv 
_atom_site.pdbx_formal_charge 
_atom_site.auth_seq_id 
_atom_site.auth_comp_id 
_atom_site.auth_asym_id 
_atom_site.auth_atom_id 
_atom_site.pdbx_PDB_model_num 
ATOM   1   P P     . DT  A 1 1 ? -8.234  10.049 -6.450  0.90 30.69 ? 1   DT  A P     1 
ATOM   2   O OP1   . DT  A 1 1 ? -7.129  9.341  -7.140  0.90 30.33 ? 1   DT  A OP1   1 
ATOM   3   O OP2   . DT  A 1 1 ? -8.340  11.517 -6.583  0.90 31.37 ? 1   DT  A OP2   1 
ATOM   4   O "O5'" . DT  A 1 1 ? -9.535  9.452  -7.141  1.00 30.56 ? 1   DT  A "O5'" 1 
ATOM   5   C "C5'" . DT  A 1 1 ? -9.476  8.971  -8.494  1.00 30.41 ? 1   DT  A "C5'" 1 
ATOM   6   C "C4'" . DT  A 1 1 ? -10.316 7.727  -8.655  1.00 29.97 ? 1   DT  A "C4'" 1 
ATOM   7   O "O4'" . DT  A 1 1 ? -9.497  6.566  -8.378  1.00 29.41 ? 1   DT  A "O4'" 1 
ATOM   8   C "C3'" . DT  A 1 1 ? -11.508 7.627  -7.703  1.00 30.00 ? 1   DT  A "C3'" 1 
ATOM   9   O "O3'" . DT  A 1 1 ? -12.539 6.832  -8.290  1.00 29.83 ? 1   DT  A "O3'" 1 
ATOM   10  C "C2'" . DT  A 1 1 ? -10.943 6.822  -6.552  1.00 29.54 ? 1   DT  A "C2'" 1 
ATOM   11  C "C1'" . DT  A 1 1 ? -10.071 5.836  -7.309  1.00 29.09 ? 1   DT  A "C1'" 1 
ATOM   12  N N1    . DT  A 1 1 ? -8.979  5.252  -6.529  1.00 18.73 ? 1   DT  A N1    1 
ATOM   13  C C2    . DT  A 1 1 ? -9.115  3.950  -6.114  1.00 18.37 ? 1   DT  A C2    1 
ATOM   14  O O2    . DT  A 1 1 ? -10.099 3.275  -6.359  1.00 18.26 ? 1   DT  A O2    1 
ATOM   15  N N3    . DT  A 1 1 ? -8.053  3.466  -5.395  1.00 18.15 ? 1   DT  A N3    1 
ATOM   16  C C4    . DT  A 1 1 ? -6.897  4.141  -5.059  1.00 18.27 ? 1   DT  A C4    1 
ATOM   17  O O4    . DT  A 1 1 ? -6.025  3.574  -4.409  1.00 18.06 ? 1   DT  A O4    1 
ATOM   18  C C5    . DT  A 1 1 ? -6.821  5.504  -5.526  1.00 18.67 ? 1   DT  A C5    1 
ATOM   19  C C7    . DT  A 1 1 ? -5.602  6.311  -5.216  0.20 18.85 ? 1   DT  A C7    1 
ATOM   20  C C6    . DT  A 1 1 ? -7.853  5.985  -6.230  1.00 18.87 ? 1   DT  A C6    1 
ATOM   21  P P     . DG  A 1 2 ? -13.652 7.486  -9.231  0.90 18.94 ? 2   DG  A P     1 
ATOM   22  O OP1   . DG  A 1 2 ? -13.766 8.917  -8.885  0.90 19.53 ? 2   DG  A OP1   1 
ATOM   23  O OP2   . DG  A 1 2 ? -14.860 6.641  -9.162  0.90 18.78 ? 2   DG  A OP2   1 
ATOM   24  O "O5'" . DG  A 1 2 ? -12.983 7.363  -10.672 1.00 18.91 ? 2   DG  A "O5'" 1 
ATOM   25  C "C5'" . DG  A 1 2 ? -13.586 7.931  -11.853 1.00 19.31 ? 2   DG  A "C5'" 1 
ATOM   26  C "C4'" . DG  A 1 2 ? -12.534 8.452  -12.804 1.00 19.46 ? 2   DG  A "C4'" 1 
ATOM   27  O "O4'" . DG  A 1 2 ? -11.419 8.970  -12.054 1.00 19.48 ? 2   DG  A "O4'" 1 
ATOM   28  C "C3'" . DG  A 1 2 ? -11.909 7.422  -13.740 1.00 19.06 ? 2   DG  A "C3'" 1 
ATOM   29  O "O3'" . DG  A 1 2 ? -12.651 7.229  -14.951 1.00 19.18 ? 2   DG  A "O3'" 1 
ATOM   30  C "C2'" . DG  A 1 2 ? -10.559 8.037  -14.060 1.00 19.18 ? 2   DG  A "C2'" 1 
ATOM   31  C "C1'" . DG  A 1 2 ? -10.265 8.963  -12.880 1.00 19.43 ? 2   DG  A "C1'" 1 
ATOM   32  N N9    . DG  A 1 2 ? -9.136  8.555  -12.075 1.00 18.37 ? 2   DG  A N9    1 
ATOM   33  C C8    . DG  A 1 2 ? -8.071  9.331  -11.674 1.00 18.41 ? 2   DG  A C8    1 
ATOM   34  N N7    . DG  A 1 2 ? -7.182  8.678  -10.972 1.00 18.37 ? 2   DG  A N7    1 
ATOM   35  C C5    . DG  A 1 2 ? -7.676  7.381  -10.894 1.00 18.30 ? 2   DG  A C5    1 
ATOM   36  C C6    . DG  A 1 2 ? -7.162  6.221  -10.265 1.00 18.22 ? 2   DG  A C6    1 
ATOM   37  O O6    . DG  A 1 2 ? -6.110  6.100  -9.620  1.00 18.21 ? 2   DG  A O6    1 
ATOM   38  N N1    . DG  A 1 2 ? -8.000  5.120  -10.443 1.00 18.16 ? 2   DG  A N1    1 
ATOM   39  C C2    . DG  A 1 2 ? -9.189  5.133  -11.139 1.00 18.17 ? 2   DG  A C2    1 
ATOM   40  N N2    . DG  A 1 2 ? -9.868  3.975  -11.206 0.80 18.11 ? 2   DG  A N2    1 
ATOM   41  N N3    . DG  A 1 2 ? -9.680  6.214  -11.729 1.00 18.24 ? 2   DG  A N3    1 
ATOM   42  C C4    . DG  A 1 2 ? -8.879  7.296  -11.570 1.00 18.30 ? 2   DG  A C4    1 
ATOM   43  P P     . DC  B 2 1 ? -3.932  -3.946 -7.694  0.90 31.90 ? 3   DC  B P     1 
ATOM   44  O OP1   . DC  B 2 1 ? -3.350  -3.616 -6.377  0.90 31.91 ? 3   DC  B OP1   1 
ATOM   45  O OP2   . DC  B 2 1 ? -4.253  -5.355 -8.011  0.90 32.08 ? 3   DC  B OP2   1 
ATOM   46  O "O5'" . DC  B 2 1 ? -5.307  -3.157 -7.758  1.00 31.74 ? 3   DC  B "O5'" 1 
ATOM   47  C "C5'" . DC  B 2 1 ? -6.019  -2.852 -6.554  1.00 31.70 ? 3   DC  B "C5'" 1 
ATOM   48  C "C4'" . DC  B 2 1 ? -7.439  -2.472 -6.889  1.00 31.62 ? 3   DC  B "C4'" 1 
ATOM   49  O "O4'" . DC  B 2 1 ? -7.621  -1.055 -6.666  1.00 31.46 ? 3   DC  B "O4'" 1 
ATOM   50  C "C3'" . DC  B 2 1 ? -7.837  -2.705 -8.344  1.00 31.62 ? 3   DC  B "C3'" 1 
ATOM   51  O "O3'" . DC  B 2 1 ? -9.255  -2.778 -8.310  1.00 31.61 ? 3   DC  B "O3'" 1 
ATOM   52  C "C2'" . DC  B 2 1 ? -7.454  -1.389 -8.992  1.00 31.46 ? 3   DC  B "C2'" 1 
ATOM   53  C "C1'" . DC  B 2 1 ? -7.848  -0.398 -7.906  1.00 31.36 ? 3   DC  B "C1'" 1 
ATOM   54  N N1    . DC  B 2 1 ? -7.108  0.873  -7.885  1.00 31.23 ? 3   DC  B N1    1 
ATOM   55  C C2    . DC  B 2 1 ? -7.650  1.984  -8.536  1.00 31.10 ? 3   DC  B C2    1 
ATOM   56  O O2    . DC  B 2 1 ? -8.722  1.859  -9.140  1.00 31.10 ? 3   DC  B O2    1 
ATOM   57  N N3    . DC  B 2 1 ? -6.991  3.160  -8.496  1.00 30.98 ? 3   DC  B N3    1 
ATOM   58  C C4    . DC  B 2 1 ? -5.834  3.254  -7.842  1.00 31.00 ? 3   DC  B C4    1 
ATOM   59  N N4    . DC  B 2 1 ? -5.217  4.436  -7.835  1.00 30.89 ? 3   DC  B N4    1 
ATOM   60  C C5    . DC  B 2 1 ? -5.262  2.143  -7.159  1.00 31.13 ? 3   DC  B C5    1 
ATOM   61  C C6    . DC  B 2 1 ? -5.930  0.984  -7.199  1.00 31.25 ? 3   DC  B C6    1 
ATOM   62  P P     . DA  B 2 2 ? -10.064 -3.922 -9.039  0.90 26.93 ? 4   DA  B P     1 
ATOM   63  O OP1   . DA  B 2 2 ? -9.104  -4.802 -9.730  0.90 38.55 ? 4   DA  B OP1   1 
ATOM   64  O OP2   . DA  B 2 2 ? -11.158 -3.289 -9.799  0.90 25.15 ? 4   DA  B OP2   1 
ATOM   65  O "O5'" . DA  B 2 2 ? -10.739 -4.692 -7.825  1.00 26.99 ? 4   DA  B "O5'" 1 
ATOM   66  C "C5'" . DA  B 2 2 ? -11.654 -4.030 -6.938  1.00 18.46 ? 4   DA  B "C5'" 1 
ATOM   67  C "C4'" . DA  B 2 2 ? -11.388 -4.461 -5.516  1.00 18.54 ? 4   DA  B "C4'" 1 
ATOM   68  O "O4'" . DA  B 2 2 ? -10.030 -4.132 -5.176  1.00 19.24 ? 4   DA  B "O4'" 1 
ATOM   69  C "C3'" . DA  B 2 2 ? -12.224 -3.761 -4.452  1.00 23.24 ? 4   DA  B "C3'" 1 
ATOM   70  O "O3'" . DA  B 2 2 ? -13.513 -4.361 -4.262  1.00 29.03 ? 4   DA  B "O3'" 1 
ATOM   71  C "C2'" . DA  B 2 2 ? -11.347 -3.868 -3.214  1.00 23.98 ? 4   DA  B "C2'" 1 
ATOM   72  C "C1'" . DA  B 2 2 ? -9.928  -4.053 -3.763  1.00 21.94 ? 4   DA  B "C1'" 1 
ATOM   73  N N9    . DA  B 2 2 ? -8.991  -2.978 -3.432  1.00 20.76 ? 4   DA  B N9    1 
ATOM   74  C C8    . DA  B 2 2 ? -7.799  -3.110 -2.767  1.00 20.79 ? 4   DA  B C8    1 
ATOM   75  N N7    . DA  B 2 2 ? -7.169  -1.976 -2.581  1.00 20.74 ? 4   DA  B N7    1 
ATOM   76  C C5    . DA  B 2 2 ? -8.003  -1.033 -3.162  1.00 20.68 ? 4   DA  B C5    1 
ATOM   77  C C6    . DA  B 2 2 ? -7.900  0.361  -3.303  1.00 20.63 ? 4   DA  B C6    1 
ATOM   78  N N6    . DA  B 2 2 ? -6.872  1.077  -2.850  1.00 20.61 ? 4   DA  B N6    1 
ATOM   79  N N1    . DA  B 2 2 ? -8.911  1.005  -3.925  1.00 20.58 ? 4   DA  B N1    1 
ATOM   80  C C2    . DA  B 2 2 ? -9.943  0.288  -4.378  1.00 20.60 ? 4   DA  B C2    1 
ATOM   81  N N3    . DA  B 2 2 ? -10.157 -1.022 -4.305  1.00 20.65 ? 4   DA  B N3    1 
ATOM   82  C C4    . DA  B 2 2 ? -9.136  -1.634 -3.679  1.00 20.69 ? 4   DA  B C4    1 
ATOM   83  P P     . DT  C 3 1 ? 7.895   1.452  12.029  0.90 19.89 ? 5   DT  C P     1 
ATOM   84  O OP1   . DT  C 3 1 ? 7.671   0.084  11.518  0.90 19.71 ? 5   DT  C OP1   1 
ATOM   85  O OP2   . DT  C 3 1 ? 9.266   1.883  12.382  0.90 20.11 ? 5   DT  C OP2   1 
ATOM   86  O "O5'" . DT  C 3 1 ? 7.394   2.408  10.868  1.00 19.76 ? 5   DT  C "O5'" 1 
ATOM   87  C "C5'" . DT  C 3 1 ? 6.092   2.982  10.934  1.00 19.75 ? 5   DT  C "C5'" 1 
ATOM   88  C "C4'" . DT  C 3 1 ? 5.446   2.944  9.572   1.00 19.52 ? 5   DT  C "C4'" 1 
ATOM   89  O "O4'" . DT  C 3 1 ? 5.353   1.575  9.110   1.00 19.22 ? 5   DT  C "O4'" 1 
ATOM   90  C "C3'" . DT  C 3 1 ? 4.020   3.481  9.556   1.00 19.57 ? 5   DT  C "C3'" 1 
ATOM   91  O "O3'" . DT  C 3 1 ? 3.767   4.038  8.271   1.00 19.51 ? 5   DT  C "O3'" 1 
ATOM   92  C "C2'" . DT  C 3 1 ? 3.194   2.223  9.716   1.00 19.35 ? 5   DT  C "C2'" 1 
ATOM   93  C "C1'" . DT  C 3 1 ? 3.993   1.260  8.861   1.00 19.09 ? 5   DT  C "C1'" 1 
ATOM   94  N N1    . DT  C 3 1 ? 3.783   -0.157 9.182   1.00 18.90 ? 5   DT  C N1    1 
ATOM   95  C C2    . DT  C 3 1 ? 2.489   -0.620 9.246   1.00 18.76 ? 5   DT  C C2    1 
ATOM   96  O O2    . DT  C 3 1 ? 1.517   0.091  9.059   1.00 18.79 ? 5   DT  C O2    1 
ATOM   97  N N3    . DT  C 3 1 ? 2.374   -1.953 9.549   1.00 18.60 ? 5   DT  C N3    1 
ATOM   98  C C4    . DT  C 3 1 ? 3.399   -2.846 9.787   1.00 18.60 ? 5   DT  C C4    1 
ATOM   99  O O4    . DT  C 3 1 ? 3.140   -4.017 10.043  1.00 18.48 ? 5   DT  C O4    1 
ATOM   100 C C5    . DT  C 3 1 ? 4.730   -2.294 9.695   1.00 18.76 ? 5   DT  C C5    1 
ATOM   101 C C7    . DT  C 3 1 ? 5.905   -3.189 9.934   0.20 18.79 ? 5   DT  C C7    1 
ATOM   102 C C6    . DT  C 3 1 ? 4.853   -0.995 9.397   1.00 18.90 ? 5   DT  C C6    1 
ATOM   103 P P     . DG  C 3 2 ? 3.939   5.585  8.018   0.90 21.68 ? 6   DG  C P     1 
ATOM   104 O OP1   . DG  C 3 2 ? 3.891   6.272  9.319   0.90 45.75 ? 6   DG  C OP1   1 
ATOM   105 O OP2   . DG  C 3 2 ? 3.001   5.984  6.958   0.90 14.21 ? 6   DG  C OP2   1 
ATOM   106 O "O5'" . DG  C 3 2 ? 5.434   5.690  7.492   1.00 25.87 ? 6   DG  C "O5'" 1 
ATOM   107 C "C5'" . DG  C 3 2 ? 5.758   5.631  6.099   1.00 20.10 ? 6   DG  C "C5'" 1 
ATOM   108 C "C4'" . DG  C 3 2 ? 7.248   5.441  5.941   1.00 15.10 ? 6   DG  C "C4'" 1 
ATOM   109 O "O4'" . DG  C 3 2 ? 7.718   4.503  6.931   1.00 12.49 ? 6   DG  C "O4'" 1 
ATOM   110 C "C3'" . DG  C 3 2 ? 7.689   4.856  4.604   1.00 9.17  ? 6   DG  C "C3'" 1 
ATOM   111 O "O3'" . DG  C 3 2 ? 7.988   5.895  3.663   1.00 21.19 ? 6   DG  C "O3'" 1 
ATOM   112 C "C2'" . DG  C 3 2 ? 8.980   4.135  4.956   1.00 12.63 ? 6   DG  C "C2'" 1 
ATOM   113 C "C1'" . DG  C 3 2 ? 8.917   3.903  6.466   1.00 19.21 ? 6   DG  C "C1'" 1 
ATOM   114 N N9    . DG  C 3 2 ? 8.891   2.492  6.835   1.00 24.52 ? 6   DG  C N9    1 
ATOM   115 C C8    . DG  C 3 2 ? 9.899   1.769  7.426   1.00 9.12  ? 6   DG  C C8    1 
ATOM   116 N N7    . DG  C 3 2 ? 9.591   0.513  7.606   1.00 8.91  ? 6   DG  C N7    1 
ATOM   117 C C5    . DG  C 3 2 ? 8.305   0.399  7.099   1.00 18.21 ? 6   DG  C C5    1 
ATOM   118 C C6    . DG  C 3 2 ? 7.443   -0.732 7.016   1.00 21.96 ? 6   DG  C C6    1 
ATOM   119 O O6    . DG  C 3 2 ? 7.655   -1.892 7.389   1.00 15.47 ? 6   DG  C O6    1 
ATOM   120 N N1    . DG  C 3 2 ? 6.229   -0.407 6.419   1.00 20.49 ? 6   DG  C N1    1 
ATOM   121 C C2    . DG  C 3 2 ? 5.882   0.845  5.972   1.00 16.69 ? 6   DG  C C2    1 
ATOM   122 N N2    . DG  C 3 2 ? 4.660   0.964  5.438   0.80 17.34 ? 6   DG  C N2    1 
ATOM   123 N N3    . DG  C 3 2 ? 6.673   1.904  6.044   1.00 24.39 ? 6   DG  C N3    1 
ATOM   124 C C4    . DG  C 3 2 ? 7.862   1.610  6.612   1.00 25.38 ? 6   DG  C C4    1 
ATOM   125 P P     . DT  C 3 3 ? 6.960   6.254  2.488   0.90 28.31 ? 7   DT  C P     1 
ATOM   126 O OP1   . DT  C 3 3 ? 7.576   7.301  1.652   0.90 28.68 ? 7   DT  C OP1   1 
ATOM   127 O OP2   . DT  C 3 3 ? 5.639   6.504  3.087   0.90 28.50 ? 7   DT  C OP2   1 
ATOM   128 O "O5'" . DT  C 3 3 ? 6.885   4.912  1.640   1.00 19.73 ? 7   DT  C "O5'" 1 
ATOM   129 C "C5'" . DT  C 3 3 ? 6.214   4.878  0.366   1.00 18.51 ? 7   DT  C "C5'" 1 
ATOM   130 C "C4'" . DT  C 3 3 ? 5.360   3.639  0.219   1.00 23.15 ? 7   DT  C "C4'" 1 
ATOM   131 O "O4'" . DT  C 3 3 ? 6.157   2.444  0.406   1.00 5.84  ? 7   DT  C "O4'" 1 
ATOM   132 C "C3'" . DT  C 3 3 ? 4.195   3.520  1.206   1.00 14.62 ? 7   DT  C "C3'" 1 
ATOM   133 O "O3'" . DT  C 3 3 ? 3.082   2.869  0.587   1.00 11.81 ? 7   DT  C "O3'" 1 
ATOM   134 C "C2'" . DT  C 3 3 ? 4.728   2.545  2.235   1.00 7.55  ? 7   DT  C "C2'" 1 
ATOM   135 C "C1'" . DT  C 3 3 ? 5.499   1.607  1.336   1.00 5.61  ? 7   DT  C "C1'" 1 
ATOM   136 N N1    . DT  C 3 3 ? 6.513   0.798  2.011   1.00 10.59 ? 7   DT  C N1    1 
ATOM   137 C C2    . DT  C 3 3 ? 6.122   -0.379 2.604   1.00 8.82  ? 7   DT  C C2    1 
ATOM   138 O O2    . DT  C 3 3 ? 4.968   -0.773 2.605   1.00 10.67 ? 7   DT  C O2    1 
ATOM   139 N N3    . DT  C 3 3 ? 7.135   -1.077 3.208   1.00 11.26 ? 7   DT  C N3    1 
ATOM   140 C C4    . DT  C 3 3 ? 8.469   -0.725 3.273   1.00 12.83 ? 7   DT  C C4    1 
ATOM   141 O O4    . DT  C 3 3 ? 9.268   -1.458 3.844   1.00 22.35 ? 7   DT  C O4    1 
ATOM   142 C C5    . DT  C 3 3 ? 8.809   0.518  2.625   1.00 17.64 ? 7   DT  C C5    1 
ATOM   143 C C7    . DT  C 3 3 ? 10.231  0.979  2.637   0.20 43.94 ? 7   DT  C C7    1 
ATOM   144 C C6    . DT  C 3 3 ? 7.827   1.206  2.031   1.00 18.49 ? 7   DT  C C6    1 
ATOM   145 P P     . DG  C 3 4 ? 2.075   3.665  -0.316  0.90 17.01 ? 8   DG  C P     1 
ATOM   146 O OP1   . DG  C 3 4 ? 2.141   5.087  0.063   0.90 32.31 ? 8   DG  C OP1   1 
ATOM   147 O OP2   . DG  C 3 4 ? 0.782   2.956  -0.291  0.90 12.36 ? 8   DG  C OP2   1 
ATOM   148 O "O5'" . DG  C 3 4 ? 2.709   3.519  -1.764  1.00 23.41 ? 8   DG  C "O5'" 1 
ATOM   149 C "C5'" . DG  C 3 4 ? 2.345   4.449  -2.789  1.00 18.13 ? 8   DG  C "C5'" 1 
ATOM   150 C "C4'" . DG  C 3 4 ? 3.520   4.766  -3.681  1.00 11.84 ? 8   DG  C "C4'" 1 
ATOM   151 O "O4'" . DG  C 3 4 ? 4.753   4.892  -2.949  1.00 12.75 ? 8   DG  C "O4'" 1 
ATOM   152 C "C3'" . DG  C 3 4 ? 3.841   3.721  -4.736  1.00 17.24 ? 8   DG  C "C3'" 1 
ATOM   153 O "O3'" . DG  C 3 4 ? 2.934   3.796  -5.836  1.00 40.93 ? 8   DG  C "O3'" 1 
ATOM   154 C "C2'" . DG  C 3 4 ? 5.262   4.091  -5.125  1.00 14.31 ? 8   DG  C "C2'" 1 
ATOM   155 C "C1'" . DG  C 3 4 ? 5.788   4.884  -3.920  1.00 21.71 ? 8   DG  C "C1'" 1 
ATOM   156 N N9    . DG  C 3 4 ? 6.989   4.310  -3.320  1.00 29.65 ? 8   DG  C N9    1 
ATOM   157 C C8    . DG  C 3 4 ? 8.218   4.913  -3.210  1.00 15.02 ? 8   DG  C C8    1 
ATOM   158 N N7    . DG  C 3 4 ? 9.122   4.140  -2.672  1.00 15.50 ? 8   DG  C N7    1 
ATOM   159 C C5    . DG  C 3 4 ? 8.457   2.945  -2.442  1.00 27.59 ? 8   DG  C C5    1 
ATOM   160 C C6    . DG  C 3 4 ? 8.923   1.725  -1.871  1.00 27.68 ? 8   DG  C C6    1 
ATOM   161 O O6    . DG  C 3 4 ? 10.054  1.453  -1.452  1.00 14.93 ? 8   DG  C O6    1 
ATOM   162 N N1    . DG  C 3 4 ? 7.916   0.765  -1.825  1.00 19.04 ? 8   DG  C N1    1 
ATOM   163 C C2    . DG  C 3 4 ? 6.626   0.957  -2.254  1.00 22.80 ? 8   DG  C C2    1 
ATOM   164 N N2    . DG  C 3 4 ? 5.797   -0.084 -2.113  0.80 23.74 ? 8   DG  C N2    1 
ATOM   165 N N3    . DG  C 3 4 ? 6.179   2.085  -2.783  1.00 35.22 ? 8   DG  C N3    1 
ATOM   166 C C4    . DG  C 3 4 ? 7.143   3.030  -2.850  1.00 32.67 ? 8   DG  C C4    1 
ATOM   167 P P     . DC  D 4 1 ? 9.895   -8.478 0.870   0.90 23.58 ? 9   DC  D P     1 
ATOM   168 O OP1   . DC  D 4 1 ? 10.828  -8.667 1.999   0.90 23.53 ? 9   DC  D OP1   1 
ATOM   169 O OP2   . DC  D 4 1 ? 9.171   -9.640 0.309   0.90 23.78 ? 9   DC  D OP2   1 
ATOM   170 O "O5'" . DC  D 4 1 ? 8.789   -7.469 1.402   1.00 23.36 ? 9   DC  D "O5'" 1 
ATOM   171 C "C5'" . DC  D 4 1 ? 7.426   -7.885 1.542   1.00 23.32 ? 9   DC  D "C5'" 1 
ATOM   172 C "C4'" . DC  D 4 1 ? 6.506   -6.814 1.010   1.00 23.16 ? 9   DC  D "C4'" 1 
ATOM   173 O "O4'" . DC  D 4 1 ? 7.017   -5.520 1.394   1.00 22.94 ? 9   DC  D "O4'" 1 
ATOM   174 C "C3'" . DC  D 4 1 ? 6.378   -6.795 -0.512  1.00 23.24 ? 9   DC  D "C3'" 1 
ATOM   175 O "O3'" . DC  D 4 1 ? 5.002   -6.849 -0.886  1.00 23.24 ? 9   DC  D "O3'" 1 
ATOM   176 C "C2'" . DC  D 4 1 ? 7.057   -5.507 -0.933  1.00 23.07 ? 9   DC  D "C2'" 1 
ATOM   177 C "C1'" . DC  D 4 1 ? 6.948   -4.639 0.299   1.00 22.87 ? 9   DC  D "C1'" 1 
ATOM   178 N N1    . DC  D 4 1 ? 8.039   -3.673 0.433   1.00 22.74 ? 9   DC  D N1    1 
ATOM   179 C C2    . DC  D 4 1 ? 7.851   -2.383 -0.055  1.00 22.57 ? 9   DC  D C2    1 
ATOM   180 O O2    . DC  D 4 1 ? 6.764   -2.093 -0.571  1.00 22.53 ? 9   DC  D O2    1 
ATOM   181 N N3    . DC  D 4 1 ? 8.852   -1.482 0.054   1.00 22.45 ? 9   DC  D N3    1 
ATOM   182 C C4    . DC  D 4 1 ? 10.005  -1.835 0.620   1.00 22.49 ? 9   DC  D C4    1 
ATOM   183 N N4    . DC  D 4 1 ? 10.964  -0.914 0.708   1.00 22.37 ? 9   DC  D N4    1 
ATOM   184 C C5    . DC  D 4 1 ? 10.225  -3.147 1.126   1.00 22.67 ? 9   DC  D C5    1 
ATOM   185 C C6    . DC  D 4 1 ? 9.224   -4.027 1.011   1.00 22.79 ? 9   DC  D C6    1 
ATOM   186 P P     . DA  D 4 2 ? 4.320   -8.239 -1.170  0.90 33.95 ? 10  DA  D P     1 
ATOM   187 O OP1   . DA  D 4 2 ? 5.373   -9.269 -1.115  0.90 49.16 ? 10  DA  D OP1   1 
ATOM   188 O OP2   . DA  D 4 2 ? 3.491   -8.109 -2.381  0.90 34.64 ? 10  DA  D OP2   1 
ATOM   189 O "O5'" . DA  D 4 2 ? 3.338   -8.441 0.068   1.00 23.24 ? 10  DA  D "O5'" 1 
ATOM   190 C "C5'" . DA  D 4 2 ? 3.387   -7.603 1.233   1.00 8.70  ? 10  DA  D "C5'" 1 
ATOM   191 C "C4'" . DA  D 4 2 ? 3.491   -8.435 2.491   1.00 10.30 ? 10  DA  D "C4'" 1 
ATOM   192 O "O4'" . DA  D 4 2 ? 4.841   -8.354 2.977   1.00 11.87 ? 10  DA  D "O4'" 1 
ATOM   193 C "C3'" . DA  D 4 2 ? 2.618   -7.949 3.644   1.00 16.32 ? 10  DA  D "C3'" 1 
ATOM   194 O "O3'" . DA  D 4 2 ? 1.387   -8.676 3.658   1.00 24.72 ? 10  DA  D "O3'" 1 
ATOM   195 C "C2'" . DA  D 4 2 ? 3.437   -8.271 4.882   1.00 14.69 ? 10  DA  D "C2'" 1 
ATOM   196 C "C1'" . DA  D 4 2 ? 4.866   -8.457 4.385   1.00 11.86 ? 10  DA  D "C1'" 1 
ATOM   197 N N9    . DA  D 4 2 ? 5.823   -7.473 4.887   1.00 11.81 ? 10  DA  D N9    1 
ATOM   198 C C8    . DA  D 4 2 ? 6.815   -7.669 5.812   1.00 18.17 ? 10  DA  D C8    1 
ATOM   199 N N7    . DA  D 4 2 ? 7.526   -6.596 6.060   1.00 19.96 ? 10  DA  D N7    1 
ATOM   200 C C5    . DA  D 4 2 ? 6.969   -5.630 5.235   1.00 15.39 ? 10  DA  D C5    1 
ATOM   201 C C6    . DA  D 4 2 ? 7.276   -4.277 5.023   1.00 31.51 ? 10  DA  D C6    1 
ATOM   202 N N6    . DA  D 4 2 ? 8.257   -3.631 5.656   1.00 11.87 ? 10  DA  D N6    1 
ATOM   203 N N1    . DA  D 4 2 ? 6.522   -3.595 4.134   1.00 42.04 ? 10  DA  D N1    1 
ATOM   204 C C2    . DA  D 4 2 ? 5.531   -4.239 3.507   1.00 22.36 ? 10  DA  D C2    1 
ATOM   205 N N3    . DA  D 4 2 ? 5.146   -5.505 3.622   1.00 26.56 ? 10  DA  D N3    1 
ATOM   206 C C4    . DA  D 4 2 ? 5.918   -6.157 4.509   1.00 16.08 ? 10  DA  D C4    1 
ATOM   207 P P     . DC  D 4 3 ? 0.113   -8.094 4.381   0.90 46.54 ? 11  DC  D P     1 
ATOM   208 O OP1   . DC  D 4 3 ? 0.365   -8.128 5.836   0.90 50.80 ? 11  DC  D OP1   1 
ATOM   209 O OP2   . DC  D 4 3 ? -1.070  -8.787 3.824   0.90 47.10 ? 11  DC  D OP2   1 
ATOM   210 O "O5'" . DC  D 4 3 ? 0.064   -6.573 3.907   1.00 32.52 ? 11  DC  D "O5'" 1 
ATOM   211 C "C5'" . DC  D 4 3 ? -1.177  -5.831 3.975   1.00 33.99 ? 11  DC  D "C5'" 1 
ATOM   212 C "C4'" . DC  D 4 3 ? -0.947  -4.372 4.297   1.00 13.20 ? 11  DC  D "C4'" 1 
ATOM   213 O "O4'" . DC  D 4 3 ? -0.038  -4.238 5.412   1.00 10.60 ? 11  DC  D "O4'" 1 
ATOM   214 C "C3'" . DC  D 4 3 ? -0.353  -3.542 3.156   1.00 14.06 ? 11  DC  D "C3'" 1 
ATOM   215 O "O3'" . DC  D 4 3 ? -1.071  -2.320 2.962   1.00 23.67 ? 11  DC  D "O3'" 1 
ATOM   216 C "C2'" . DC  D 4 3 ? 1.044   -3.210 3.639   1.00 7.57  ? 11  DC  D "C2'" 1 
ATOM   217 C "C1'" . DC  D 4 3 ? 0.873   -3.197 5.139   1.00 7.38  ? 11  DC  D "C1'" 1 
ATOM   218 N N1    . DC  D 4 3 ? 2.114   -3.470 5.873   1.00 7.39  ? 11  DC  D N1    1 
ATOM   219 C C2    . DC  D 4 3 ? 2.961   -2.405 6.182   1.00 7.34  ? 11  DC  D C2    1 
ATOM   220 O O2    . DC  D 4 3 ? 2.622   -1.259 5.858   1.00 8.93  ? 11  DC  D O2    1 
ATOM   221 N N3    . DC  D 4 3 ? 4.118   -2.647 6.834   1.00 11.99 ? 11  DC  D N3    1 
ATOM   222 C C4    . DC  D 4 3 ? 4.441   -3.895 7.178   1.00 19.13 ? 11  DC  D C4    1 
ATOM   223 N N4    . DC  D 4 3 ? 5.586   -4.086 7.830   1.00 28.65 ? 11  DC  D N4    1 
ATOM   224 C C5    . DC  D 4 3 ? 3.597   -5.001 6.872   1.00 9.29  ? 11  DC  D C5    1 
ATOM   225 C C6    . DC  D 4 3 ? 2.457   -4.747 6.220   1.00 7.98  ? 11  DC  D C6    1 
ATOM   226 P P     . DA  D 4 4 ? -2.206  -2.234 1.870   0.90 25.68 ? 12  DA  D P     1 
ATOM   227 O OP1   . DA  D 4 4 ? -2.087  -3.408 0.995   0.90 47.04 ? 12  DA  D OP1   1 
ATOM   228 O OP2   . DA  D 4 4 ? -2.197  -0.880 1.289   0.90 13.52 ? 12  DA  D OP2   1 
ATOM   229 O "O5'" . DA  D 4 4 ? -3.533  -2.466 2.717   1.00 11.70 ? 12  DA  D "O5'" 1 
ATOM   230 C "C5'" . DA  D 4 4 ? -3.676  -2.007 4.065   1.00 9.97  ? 12  DA  D "C5'" 1 
ATOM   231 C "C4'" . DA  D 4 4 ? -4.613  -2.920 4.819   1.00 7.34  ? 12  DA  D "C4'" 1 
ATOM   232 O "O4'" . DA  D 4 4 ? -3.869  -4.045 5.318   1.00 9.33  ? 12  DA  D "O4'" 1 
ATOM   233 C "C3'" . DA  D 4 4 ? -5.257  -2.300 6.053   1.00 23.55 ? 12  DA  D "C3'" 1 
ATOM   234 O "O3'" . DA  D 4 4 ? -6.507  -1.687 5.728   1.00 33.23 ? 12  DA  D "O3'" 1 
ATOM   235 C "C2'" . DA  D 4 4 ? -5.493  -3.494 6.956   1.00 9.20  ? 12  DA  D "C2'" 1 
ATOM   236 C "C1'" . DA  D 4 4 ? -4.498  -4.548 6.479   1.00 9.37  ? 12  DA  D "C1'" 1 
ATOM   237 N N9    . DA  D 4 4 ? -3.458  -4.868 7.452   1.00 10.19 ? 12  DA  D N9    1 
ATOM   238 C C8    . DA  D 4 4 ? -3.347  -6.019 8.188   1.00 10.92 ? 12  DA  D C8    1 
ATOM   239 N N7    . DA  D 4 4 ? -2.320  -6.032 8.999   1.00 18.76 ? 12  DA  D N7    1 
ATOM   240 C C5    . DA  D 4 4 ? -1.714  -4.802 8.787   1.00 7.40  ? 12  DA  D C5    1 
ATOM   241 C C6    . DA  D 4 4 ? -0.578  -4.201 9.349   1.00 21.14 ? 12  DA  D C6    1 
ATOM   242 N N6    . DA  D 4 4 ? 0.186   -4.782 10.278  1.00 11.38 ? 12  DA  D N6    1 
ATOM   243 N N1    . DA  D 4 4 ? -0.254  -2.959 8.931   1.00 32.35 ? 12  DA  D N1    1 
ATOM   244 C C2    . DA  D 4 4 ? -1.026  -2.373 8.009   1.00 21.07 ? 12  DA  D C2    1 
ATOM   245 N N3    . DA  D 4 4 ? -2.117  -2.836 7.407   1.00 21.02 ? 12  DA  D N3    1 
ATOM   246 C C4    . DA  D 4 4 ? -2.412  -4.070 7.847   1.00 7.37  ? 12  DA  D C4    1 
HETATM 247 O O     . HOH E 5 . ? -7.810  -4.897 -11.618 1.00 63.02 ? 101 HOH B O     1 
HETATM 248 O O     . HOH F 5 . ? 1.411   -7.404 8.447   1.00 51.08 ? 101 HOH D O     1 
HETATM 249 O O     . HOH F 5 . ? 10.479  -4.098 7.488   1.00 51.08 ? 102 HOH D O     1 
# 
loop_
_atom_site_anisotrop.id 
_atom_site_anisotrop.type_symbol 
_atom_site_anisotrop.pdbx_label_atom_id 
_atom_site_anisotrop.pdbx_label_alt_id 
_atom_site_anisotrop.pdbx_label_comp_id 
_atom_site_anisotrop.pdbx_label_asym_id 
_atom_site_anisotrop.pdbx_label_seq_id 
_atom_site_anisotrop.pdbx_PDB_ins_code 
_atom_site_anisotrop.U[1][1] 
_atom_site_anisotrop.U[2][2] 
_atom_site_anisotrop.U[3][3] 
_atom_site_anisotrop.U[1][2] 
_atom_site_anisotrop.U[1][3] 
_atom_site_anisotrop.U[2][3] 
_atom_site_anisotrop.pdbx_auth_seq_id 
_atom_site_anisotrop.pdbx_auth_comp_id 
_atom_site_anisotrop.pdbx_auth_asym_id 
_atom_site_anisotrop.pdbx_auth_atom_id 
1   P P     . DT A 1 ? 0.5597 0.3263 0.2801 0.0225  0.0205  -0.0366 1  DT A P     
2   O OP1   . DT A 1 ? 0.5549 0.3219 0.2755 0.0220  0.0208  -0.0363 1  DT A OP1   
3   O OP2   . DT A 1 ? 0.5696 0.3341 0.2882 0.0224  0.0202  -0.0367 1  DT A OP2   
4   O "O5'" . DT A 1 ? 0.5580 0.3246 0.2787 0.0235  0.0201  -0.0364 1  DT A "O5'" 
5   C "C5'" . DT A 1 ? 0.5564 0.3223 0.2769 0.0237  0.0200  -0.0359 1  DT A "C5'" 
6   C "C4'" . DT A 1 ? 0.5499 0.3172 0.2717 0.0245  0.0199  -0.0359 1  DT A "C4'" 
7   O "O4'" . DT A 1 ? 0.5417 0.3108 0.2649 0.0241  0.0203  -0.0359 1  DT A "O4'" 
8   C "C3'" . DT A 1 ? 0.5496 0.3180 0.2724 0.0251  0.0196  -0.0363 1  DT A "C3'" 
9   O "O3'" . DT A 1 ? 0.5471 0.3157 0.2706 0.0260  0.0194  -0.0361 1  DT A "O3'" 
10  C "C2'" . DT A 1 ? 0.5425 0.3131 0.2669 0.0248  0.0201  -0.0366 1  DT A "C2'" 
11  C "C1'" . DT A 1 ? 0.5365 0.3075 0.2613 0.0245  0.0204  -0.0362 1  DT A "C1'" 
12  N N1    . DT A 1 ? 0.4043 0.1772 0.1303 0.0238  0.0209  -0.0364 1  DT A N1    
13  C C2    . DT A 1 ? 0.3985 0.1734 0.1262 0.0240  0.0211  -0.0364 1  DT A C2    
14  O O2    . DT A 1 ? 0.3967 0.1721 0.1250 0.0247  0.0208  -0.0363 1  DT A O2    
15  N N3    . DT A 1 ? 0.3949 0.1715 0.1234 0.0233  0.0216  -0.0365 1  DT A N3    
16  C C4    . DT A 1 ? 0.3967 0.1729 0.1246 0.0225  0.0218  -0.0366 1  DT A C4    
17  O O4    . DT A 1 ? 0.3932 0.1709 0.1220 0.0219  0.0223  -0.0366 1  DT A O4    
18  C C5    . DT A 1 ? 0.4032 0.1770 0.1292 0.0222  0.0217  -0.0365 1  DT A C5    
19  C C7    . DT A 1 ? 0.4059 0.1792 0.1311 0.0213  0.0220  -0.0366 1  DT A C7    
20  C C6    . DT A 1 ? 0.4065 0.1789 0.1316 0.0229  0.0212  -0.0363 1  DT A C6    
21  P P     . DG A 2 ? 0.4103 0.1770 0.1324 0.0266  0.0188  -0.0360 2  DG A P     
22  O OP1   . DG A 2 ? 0.4187 0.1839 0.1395 0.0265  0.0186  -0.0362 2  DG A OP1   
23  O OP2   . DG A 2 ? 0.4074 0.1752 0.1308 0.0275  0.0186  -0.0360 2  DG A OP2   
24  O "O5'" . DG A 2 ? 0.4107 0.1760 0.1319 0.0265  0.0188  -0.0354 2  DG A "O5'" 
25  C "C5'" . DG A 2 ? 0.4169 0.1800 0.1367 0.0269  0.0184  -0.0351 2  DG A "C5'" 
26  C "C4'" . DG A 2 ? 0.4199 0.1814 0.1383 0.0263  0.0185  -0.0347 2  DG A "C4'" 
27  O "O4'" . DG A 2 ? 0.4201 0.1819 0.1382 0.0254  0.0189  -0.0349 2  DG A "O4'" 
28  C "C3'" . DG A 2 ? 0.4145 0.1764 0.1332 0.0262  0.0187  -0.0343 2  DG A "C3'" 
29  O "O3'" . DG A 2 ? 0.4167 0.1775 0.1348 0.0269  0.0183  -0.0339 2  DG A "O3'" 
30  C "C2'" . DG A 2 ? 0.4168 0.1777 0.1344 0.0254  0.0190  -0.0341 2  DG A "C2'" 
31  C "C1'" . DG A 2 ? 0.4198 0.1809 0.1373 0.0248  0.0192  -0.0345 2  DG A "C1'" 
32  N N9    . DG A 2 ? 0.4057 0.1683 0.1240 0.0241  0.0196  -0.0347 2  DG A N9    
33  C C8    . DG A 2 ? 0.4067 0.1687 0.1242 0.0232  0.0200  -0.0348 2  DG A C8    
34  N N7    . DG A 2 ? 0.4052 0.1689 0.1239 0.0227  0.0204  -0.0349 2  DG A N7    
35  C C5    . DG A 2 ? 0.4032 0.1686 0.1234 0.0232  0.0205  -0.0349 2  DG A C5    
36  C C6    . DG A 2 ? 0.4009 0.1687 0.1228 0.0230  0.0208  -0.0350 2  DG A C6    
37  O O6    . DG A 2 ? 0.4003 0.1691 0.1226 0.0223  0.0213  -0.0351 2  DG A O6    
38  N N1    . DG A 2 ? 0.3994 0.1682 0.1225 0.0237  0.0207  -0.0349 2  DG A N1    
39  C C2    . DG A 2 ? 0.4000 0.1678 0.1226 0.0246  0.0202  -0.0347 2  DG A C2    
40  N N2    . DG A 2 ? 0.3983 0.1674 0.1223 0.0252  0.0201  -0.0347 2  DG A N2    
41  N N3    . DG A 2 ? 0.4019 0.1679 0.1232 0.0248  0.0199  -0.0347 2  DG A N3    
42  C C4    . DG A 2 ? 0.4036 0.1682 0.1235 0.0241  0.0200  -0.0347 2  DG A C4    
43  P P     . DC B 1 ? 0.4211 0.3066 0.4842 0.0861  -0.0462 -0.0345 3  DC B P     
44  O OP1   . DC B 1 ? 0.4212 0.3070 0.4841 0.0865  -0.0464 -0.0341 3  DC B OP1   
45  O OP2   . DC B 1 ? 0.4235 0.3083 0.4869 0.0865  -0.0453 -0.0342 3  DC B OP2   
46  O "O5'" . DC B 1 ? 0.4194 0.3045 0.4820 0.0851  -0.0466 -0.0348 3  DC B "O5'" 
47  C "C5'" . DC B 1 ? 0.4191 0.3040 0.4814 0.0851  -0.0467 -0.0346 3  DC B "C5'" 
48  C "C4'" . DC B 1 ? 0.4184 0.3026 0.4804 0.0844  -0.0469 -0.0351 3  DC B "C4'" 
49  O "O4'" . DC B 1 ? 0.4163 0.3010 0.4779 0.0838  -0.0478 -0.0354 3  DC B "O4'" 
50  C "C3'" . DC B 1 ? 0.4183 0.3025 0.4806 0.0839  -0.0469 -0.0355 3  DC B "C3'" 
51  O "O3'" . DC B 1 ? 0.4184 0.3021 0.4805 0.0835  -0.0468 -0.0356 3  DC B "O3'" 
52  C "C2'" . DC B 1 ? 0.4162 0.3008 0.4782 0.0833  -0.0478 -0.0360 3  DC B "C2'" 
53  C "C1'" . DC B 1 ? 0.4151 0.2999 0.4766 0.0831  -0.0483 -0.0360 3  DC B "C1'" 
54  N N1    . DC B 1 ? 0.4134 0.2986 0.4745 0.0828  -0.0492 -0.0362 3  DC B N1    
55  C C2    . DC B 1 ? 0.4120 0.2970 0.4727 0.0821  -0.0500 -0.0368 3  DC B C2    
56  O O2    . DC B 1 ? 0.4120 0.2968 0.4729 0.0816  -0.0499 -0.0370 3  DC B O2    
57  N N3    . DC B 1 ? 0.4104 0.2959 0.4709 0.0817  -0.0508 -0.0371 3  DC B N3    
58  C C4    . DC B 1 ? 0.4106 0.2963 0.4708 0.0822  -0.0508 -0.0367 3  DC B C4    
59  N N4    . DC B 1 ? 0.4093 0.2952 0.4691 0.0819  -0.0517 -0.0369 3  DC B N4    
60  C C5    . DC B 1 ? 0.4120 0.2981 0.4728 0.0830  -0.0500 -0.0361 3  DC B C5    
61  C C6    . DC B 1 ? 0.4135 0.2992 0.4746 0.0833  -0.0492 -0.0359 3  DC B C6    
62  P P     . DA B 2 ? 0.3593 0.2422 0.4217 0.0834  -0.0462 -0.0356 4  DA B P     
63  O OP1   . DA B 2 ? 0.5064 0.3893 0.5691 0.0839  -0.0458 -0.0355 4  DA B OP1   
64  O OP2   . DA B 2 ? 0.3368 0.2196 0.3991 0.0826  -0.0466 -0.0361 4  DA B OP2   
65  O "O5'" . DA B 2 ? 0.3603 0.2427 0.4226 0.0839  -0.0456 -0.0351 4  DA B "O5'" 
66  C "C5'" . DA B 2 ? 0.2523 0.1346 0.3144 0.0837  -0.0458 -0.0352 4  DA B "C5'" 
67  C "C4'" . DA B 2 ? 0.2535 0.1357 0.3154 0.0843  -0.0454 -0.0346 4  DA B "C4'" 
68  O "O4'" . DA B 2 ? 0.2621 0.1448 0.3239 0.0847  -0.0456 -0.0344 4  DA B "O4'" 
69  C "C3'" . DA B 2 ? 0.3130 0.1953 0.3746 0.0841  -0.0456 -0.0346 4  DA B "C3'" 
70  O "O3'" . DA B 2 ? 0.3867 0.2682 0.4482 0.0841  -0.0452 -0.0345 4  DA B "O3'" 
71  C "C2'" . DA B 2 ? 0.3225 0.2048 0.3839 0.0848  -0.0455 -0.0341 4  DA B "C2'" 
72  C "C1'" . DA B 2 ? 0.2964 0.1791 0.3580 0.0851  -0.0456 -0.0340 4  DA B "C1'" 
73  N N9    . DA B 2 ? 0.2813 0.1647 0.3427 0.0851  -0.0462 -0.0341 4  DA B N9    
74  C C8    . DA B 2 ? 0.2815 0.1653 0.3430 0.0856  -0.0462 -0.0336 4  DA B C8    
75  N N7    . DA B 2 ? 0.2809 0.1652 0.3421 0.0854  -0.0469 -0.0338 4  DA B N7    
76  C C5    . DA B 2 ? 0.2802 0.1645 0.3412 0.0847  -0.0474 -0.0344 4  DA B C5    
77  C C6    . DA B 2 ? 0.2794 0.1641 0.3400 0.0842  -0.0483 -0.0349 4  DA B C6    
78  N N6    . DA B 2 ? 0.2792 0.1643 0.3395 0.0843  -0.0488 -0.0349 4  DA B N6    
79  N N1    . DA B 2 ? 0.2791 0.1636 0.3394 0.0835  -0.0488 -0.0354 4  DA B N1    
80  C C2    . DA B 2 ? 0.2793 0.1634 0.3399 0.0834  -0.0483 -0.0355 4  DA B C2    
81  N N3    . DA B 2 ? 0.2800 0.1637 0.3410 0.0838  -0.0474 -0.0351 4  DA B N3    
82  C C4    . DA B 2 ? 0.2804 0.1643 0.3416 0.0844  -0.0470 -0.0346 4  DA B C4    
83  P P     . DT C 1 ? 0.2981 0.2502 0.2077 -0.0112 -0.0033 -0.0024 5  DT C P     
84  O OP1   . DT C 1 ? 0.2954 0.2477 0.2058 -0.0107 -0.0031 -0.0022 5  DT C OP1   
85  O OP2   . DT C 1 ? 0.3004 0.2540 0.2096 -0.0117 -0.0033 -0.0024 5  DT C OP2   
86  O "O5'" . DT C 1 ? 0.2978 0.2466 0.2065 -0.0117 -0.0036 -0.0025 5  DT C "O5'" 
87  C "C5'" . DT C 1 ? 0.2983 0.2454 0.2066 -0.0115 -0.0038 -0.0026 5  DT C "C5'" 
88  C "C4'" . DT C 1 ? 0.2965 0.2406 0.2045 -0.0115 -0.0040 -0.0026 5  DT C "C4'" 
89  O "O4'" . DT C 1 ? 0.2922 0.2370 0.2012 -0.0111 -0.0037 -0.0024 5  DT C "O4'" 
90  C "C3'" . DT C 1 ? 0.2978 0.2402 0.2055 -0.0111 -0.0041 -0.0027 5  DT C "C3'" 
91  O "O3'" . DT C 1 ? 0.2982 0.2377 0.2053 -0.0114 -0.0044 -0.0027 5  DT C "O3'" 
92  C "C2'" . DT C 1 ? 0.2944 0.2377 0.2031 -0.0103 -0.0039 -0.0026 5  DT C "C2'" 
93  C "C1'" . DT C 1 ? 0.2909 0.2344 0.2001 -0.0105 -0.0038 -0.0024 5  DT C "C1'" 
94  N N1    . DT C 1 ? 0.2876 0.2327 0.1978 -0.0099 -0.0035 -0.0022 5  DT C N1    
95  C C2    . DT C 1 ? 0.2858 0.2305 0.1965 -0.0092 -0.0034 -0.0022 5  DT C C2    
96  O O2    . DT C 1 ? 0.2870 0.2299 0.1972 -0.0091 -0.0037 -0.0024 5  DT C O2    
97  N N3    . DT C 1 ? 0.2830 0.2293 0.1945 -0.0086 -0.0032 -0.0021 5  DT C N3    
98  C C4    . DT C 1 ? 0.2820 0.2303 0.1942 -0.0087 -0.0029 -0.0019 5  DT C C4    
99  O O4    . DT C 1 ? 0.2798 0.2294 0.1928 -0.0081 -0.0026 -0.0018 5  DT C O4    
100 C C5    . DT C 1 ? 0.2840 0.2329 0.1958 -0.0093 -0.0029 -0.0019 5  DT C C5    
101 C C7    . DT C 1 ? 0.2835 0.2346 0.1958 -0.0093 -0.0027 -0.0018 5  DT C C7    
102 C C6    . DT C 1 ? 0.2866 0.2339 0.1975 -0.0099 -0.0032 -0.0021 5  DT C C6    
103 P P     . DG C 2 ? 0.3270 0.2644 0.2325 -0.0121 -0.0047 -0.0027 6  DG C P     
104 O OP1   . DG C 2 ? 0.6314 0.5702 0.5367 -0.0121 -0.0048 -0.0029 6  DG C OP1   
105 O OP2   . DG C 2 ? 0.2334 0.1678 0.1386 -0.0120 -0.0049 -0.0027 6  DG C OP2   
106 O "O5'" . DG C 2 ? 0.3799 0.3176 0.2854 -0.0130 -0.0046 -0.0026 6  DG C "O5'" 
107 C "C5'" . DG C 2 ? 0.3076 0.2433 0.2129 -0.0135 -0.0046 -0.0024 6  DG C "C5'" 
108 C "C4'" . DG C 2 ? 0.2438 0.1808 0.1492 -0.0142 -0.0045 -0.0025 6  DG C "C4'" 
109 O "O4'" . DG C 2 ? 0.2094 0.1495 0.1157 -0.0138 -0.0043 -0.0024 6  DG C "O4'" 
110 C "C3'" . DG C 2 ? 0.1690 0.1048 0.0746 -0.0145 -0.0044 -0.0022 6  DG C "C3'" 
111 O "O3'" . DG C 2 ? 0.3224 0.2556 0.2269 -0.0153 -0.0046 -0.0021 6  DG C "O3'" 
112 C "C2'" . DG C 2 ? 0.2118 0.1502 0.1180 -0.0147 -0.0042 -0.0021 6  DG C "C2'" 
113 C "C1'" . DG C 2 ? 0.2941 0.2352 0.2008 -0.0142 -0.0040 -0.0022 6  DG C "C1'" 
114 N N9    . DG C 2 ? 0.3602 0.3035 0.2680 -0.0135 -0.0038 -0.0022 6  DG C N9    
115 C C8    . DG C 2 ? 0.1639 0.1100 0.0725 -0.0134 -0.0036 -0.0021 6  DG C C8    
116 N N7    . DG C 2 ? 0.1606 0.1079 0.0701 -0.0127 -0.0033 -0.0020 6  DG C N7    
117 C C5    . DG C 2 ? 0.2790 0.2244 0.1886 -0.0123 -0.0034 -0.0020 6  DG C C5    
118 C C6    . DG C 2 ? 0.3263 0.2717 0.2365 -0.0115 -0.0033 -0.0019 6  DG C C6    
119 O O6    . DG C 2 ? 0.2430 0.1905 0.1542 -0.0111 -0.0031 -0.0018 6  DG C O6    
120 N N1    . DG C 2 ? 0.3085 0.2515 0.2186 -0.0113 -0.0035 -0.0020 6  DG C N1    
121 C C2    . DG C 2 ? 0.2615 0.2021 0.1706 -0.0118 -0.0037 -0.0021 6  DG C C2    
122 N N2    . DG C 2 ? 0.2705 0.2091 0.1793 -0.0115 -0.0039 -0.0020 6  DG C N2    
123 N N3    . DG C 2 ? 0.3594 0.2999 0.2676 -0.0126 -0.0039 -0.0021 6  DG C N3    
124 C C4    . DG C 2 ? 0.3711 0.3138 0.2796 -0.0128 -0.0037 -0.0021 6  DG C C4    
125 P P     . DT C 3 ? 0.4140 0.3438 0.3178 -0.0152 -0.0049 -0.0021 7  DT C P     
126 O OP1   . DT C 3 ? 0.4198 0.3474 0.3224 -0.0161 -0.0050 -0.0020 7  DT C OP1   
127 O OP2   . DT C 3 ? 0.4167 0.3459 0.3203 -0.0144 -0.0050 -0.0021 7  DT C OP2   
128 O "O5'" . DT C 3 ? 0.3051 0.2348 0.2098 -0.0149 -0.0047 -0.0019 7  DT C "O5'" 
129 C "C5'" . DT C 3 ? 0.2907 0.2177 0.1952 -0.0148 -0.0049 -0.0017 7  DT C "C5'" 
130 C "C4'" . DT C 3 ? 0.3488 0.2762 0.2545 -0.0140 -0.0047 -0.0016 7  DT C "C4'" 
131 O "O4'" . DT C 3 ? 0.1284 0.0582 0.0351 -0.0138 -0.0043 -0.0016 7  DT C "O4'" 
132 C "C3'" . DT C 3 ? 0.2405 0.1687 0.1463 -0.0131 -0.0047 -0.0018 7  DT C "C3'" 
133 O "O3'" . DT C 3 ? 0.2051 0.1321 0.1115 -0.0124 -0.0048 -0.0017 7  DT C "O3'" 
134 C "C2'" . DT C 3 ? 0.1494 0.0810 0.0563 -0.0128 -0.0044 -0.0019 7  DT C "C2'" 
135 C "C1'" . DT C 3 ? 0.1248 0.0564 0.0322 -0.0130 -0.0042 -0.0017 7  DT C "C1'" 
136 N N1    . DT C 3 ? 0.1865 0.1211 0.0948 -0.0131 -0.0039 -0.0017 7  DT C N1    
137 C C2    . DT C 3 ? 0.1630 0.0997 0.0725 -0.0123 -0.0037 -0.0017 7  DT C C2    
138 O O2    . DT C 3 ? 0.1867 0.1225 0.0963 -0.0117 -0.0037 -0.0017 7  DT C O2    
139 N N3    . DT C 3 ? 0.1929 0.1320 0.1029 -0.0123 -0.0035 -0.0017 7  DT C N3    
140 C C4    . DT C 3 ? 0.2125 0.1527 0.1223 -0.0129 -0.0034 -0.0016 7  DT C C4    
141 O O4    . DT C 3 ? 0.3321 0.2748 0.2424 -0.0128 -0.0033 -0.0016 7  DT C O4    
142 C C5    . DT C 3 ? 0.2744 0.2126 0.1831 -0.0138 -0.0036 -0.0017 7  DT C C5    
143 C C7    . DT C 3 ? 0.6073 0.5465 0.5157 -0.0146 -0.0037 -0.0017 7  DT C C7    
144 C C6    . DT C 3 ? 0.2863 0.2218 0.1943 -0.0138 -0.0039 -0.0017 7  DT C C6    
145 P P     . DG C 4 ? 0.2724 0.1962 0.1776 -0.0123 -0.0050 -0.0016 8  DG C P     
146 O OP1   . DG C 4 ? 0.4668 0.3897 0.3710 -0.0127 -0.0053 -0.0017 8  DG C OP1   
147 O OP2   . DG C 4 ? 0.2134 0.1371 0.1193 -0.0114 -0.0050 -0.0015 8  DG C OP2   
148 O "O5'" . DG C 4 ? 0.3542 0.2761 0.2592 -0.0129 -0.0050 -0.0012 8  DG C "O5'" 
149 C "C5'" . DG C 4 ? 0.2887 0.2076 0.1927 -0.0132 -0.0053 -0.0011 8  DG C "C5'" 
150 C "C4'" . DG C 4 ? 0.2095 0.1273 0.1129 -0.0142 -0.0053 -0.0010 8  DG C "C4'" 
151 O "O4'" . DG C 4 ? 0.2203 0.1403 0.1239 -0.0147 -0.0051 -0.0012 8  DG C "O4'" 
152 C "C3'" . DG C 4 ? 0.2778 0.1952 0.1819 -0.0142 -0.0051 -0.0008 8  DG C "C3'" 
153 O "O3'" . DG C 4 ? 0.5789 0.4937 0.4826 -0.0139 -0.0053 -0.0006 8  DG C "O3'" 
154 C "C2'" . DG C 4 ? 0.2407 0.1583 0.1445 -0.0152 -0.0051 -0.0008 8  DG C "C2'" 
155 C "C1'" . DG C 4 ? 0.3342 0.2534 0.2376 -0.0156 -0.0051 -0.0010 8  DG C "C1'" 
156 N N9    . DG C 4 ? 0.4336 0.3556 0.3376 -0.0159 -0.0049 -0.0012 8  DG C N9    
157 C C8    . DG C 4 ? 0.2482 0.1708 0.1518 -0.0168 -0.0048 -0.0012 8  DG C C8    
158 N N7    . DG C 4 ? 0.2531 0.1784 0.1576 -0.0169 -0.0046 -0.0013 8  DG C N7    
159 C C5    . DG C 4 ? 0.4054 0.3319 0.3110 -0.0160 -0.0044 -0.0013 8  DG C C5    
160 C C6    . DG C 4 ? 0.4053 0.3345 0.3120 -0.0156 -0.0041 -0.0013 8  DG C C6    
161 O O6    . DG C 4 ? 0.2428 0.1743 0.1499 -0.0159 -0.0040 -0.0013 8  DG C O6    
162 N N1    . DG C 4 ? 0.2955 0.2249 0.2031 -0.0147 -0.0041 -0.0013 8  DG C N1    
163 C C2    . DG C 4 ? 0.3439 0.2711 0.2512 -0.0142 -0.0042 -0.0012 8  DG C C2    
164 N N2    . DG C 4 ? 0.3553 0.2831 0.2635 -0.0134 -0.0040 -0.0012 8  DG C N2    
165 N N3    . DG C 4 ? 0.5024 0.4272 0.4086 -0.0145 -0.0045 -0.0012 8  DG C N3    
166 C C4    . DG C 4 ? 0.4704 0.3949 0.3759 -0.0154 -0.0046 -0.0012 8  DG C C4    
167 P P     . DC D 1 ? 0.3030 0.2967 0.2962 0.0301  0.0329  -0.0348 9  DC D P     
168 O OP1   . DC D 1 ? 0.3020 0.2964 0.2955 0.0304  0.0329  -0.0348 9  DC D OP1   
169 O OP2   . DC D 1 ? 0.3057 0.2987 0.2991 0.0299  0.0334  -0.0350 9  DC D OP2   
170 O "O5'" . DC D 1 ? 0.3003 0.2940 0.2931 0.0300  0.0325  -0.0346 9  DC D "O5'" 
171 C "C5'" . DC D 1 ? 0.3001 0.2930 0.2928 0.0296  0.0327  -0.0345 9  DC D "C5'" 
172 C "C4'" . DC D 1 ? 0.2983 0.2911 0.2905 0.0296  0.0323  -0.0343 9  DC D "C4'" 
173 O "O4'" . DC D 1 ? 0.2953 0.2890 0.2874 0.0297  0.0316  -0.0342 9  DC D "O4'" 
174 C "C3'" . DC D 1 ? 0.2995 0.2919 0.2914 0.0297  0.0322  -0.0344 9  DC D "C3'" 
175 O "O3'" . DC D 1 ? 0.2998 0.2916 0.2914 0.0295  0.0322  -0.0343 9  DC D "O3'" 
176 C "C2'" . DC D 1 ? 0.2973 0.2904 0.2890 0.0298  0.0317  -0.0344 9  DC D "C2'" 
177 C "C1'" . DC D 1 ? 0.2945 0.2883 0.2861 0.0298  0.0312  -0.0342 9  DC D "C1'" 
178 N N1    . DC D 1 ? 0.2925 0.2873 0.2842 0.0300  0.0306  -0.0340 9  DC D N1    
179 C C2    . DC D 1 ? 0.2902 0.2856 0.2816 0.0299  0.0297  -0.0340 9  DC D C2    
180 O O2    . DC D 1 ? 0.2898 0.2850 0.2810 0.0298  0.0295  -0.0341 9  DC D O2    
181 N N3    . DC D 1 ? 0.2884 0.2847 0.2797 0.0301  0.0291  -0.0338 9  DC D N3    
182 C C4    . DC D 1 ? 0.2888 0.2855 0.2803 0.0302  0.0293  -0.0337 9  DC D C4    
183 N N4    . DC D 1 ? 0.2870 0.2846 0.2785 0.0304  0.0286  -0.0334 9  DC D N4    
184 C C5    . DC D 1 ? 0.2912 0.2873 0.2829 0.0303  0.0301  -0.0339 9  DC D C5    
185 C C6    . DC D 1 ? 0.2929 0.2881 0.2847 0.0301  0.0308  -0.0340 9  DC D C6    
186 P P     . DA D 2 ? 0.4358 0.4266 0.4276 0.0293  0.0329  -0.0345 10 DA D P     
187 O OP1   . DA D 2 ? 0.6282 0.6192 0.6206 0.0293  0.0334  -0.0348 10 DA D OP1   
188 O OP2   . DA D 2 ? 0.4448 0.4351 0.4361 0.0294  0.0328  -0.0345 10 DA D OP2   
189 O "O5'" . DA D 2 ? 0.3002 0.2908 0.2919 0.0292  0.0330  -0.0343 10 DA D "O5'" 
190 C "C5'" . DA D 2 ? 0.1159 0.1070 0.1075 0.0292  0.0325  -0.0341 10 DA D "C5'" 
191 C "C4'" . DA D 2 ? 0.1362 0.1272 0.1282 0.0291  0.0329  -0.0340 10 DA D "C4'" 
192 O "O4'" . DA D 2 ? 0.1556 0.1474 0.1481 0.0292  0.0329  -0.0342 10 DA D "O4'" 
193 C "C3'" . DA D 2 ? 0.2124 0.2035 0.2042 0.0290  0.0327  -0.0338 10 DA D "C3'" 
194 O "O3'" . DA D 2 ? 0.3191 0.3094 0.3106 0.0289  0.0329  -0.0337 10 DA D "O3'" 
195 C "C2'" . DA D 2 ? 0.1915 0.1831 0.1837 0.0290  0.0329  -0.0337 10 DA D "C2'" 
196 C "C1'" . DA D 2 ? 0.1552 0.1474 0.1480 0.0291  0.0329  -0.0340 10 DA D "C1'" 
197 N N9    . DA D 2 ? 0.1542 0.1474 0.1470 0.0293  0.0324  -0.0339 10 DA D N9    
198 C C8    . DA D 2 ? 0.2346 0.2283 0.2276 0.0294  0.0326  -0.0339 10 DA D C8    
199 N N7    . DA D 2 ? 0.2570 0.2514 0.2499 0.0296  0.0321  -0.0338 10 DA D N7    
200 C C5    . DA D 2 ? 0.1993 0.1936 0.1917 0.0296  0.0317  -0.0338 10 DA D C5    
201 C C6    . DA D 2 ? 0.4034 0.3984 0.3955 0.0297  0.0310  -0.0337 10 DA D C6    
202 N N6    . DA D 2 ? 0.1543 0.1503 0.1465 0.0298  0.0305  -0.0335 10 DA D N6    
203 N N1    . DA D 2 ? 0.5368 0.5319 0.5286 0.0296  0.0306  -0.0337 10 DA D N1    
204 C C2    . DA D 2 ? 0.2878 0.2820 0.2797 0.0296  0.0309  -0.0338 10 DA D C2    
205 N N3    . DA D 2 ? 0.3413 0.3346 0.3332 0.0294  0.0316  -0.0338 10 DA D N3    
206 C C4    . DA D 2 ? 0.2084 0.2020 0.2007 0.0294  0.0319  -0.0338 10 DA D C4    
207 P P     . DC D 3 ? 0.5958 0.5859 0.5867 0.0290  0.0326  -0.0336 11 DC D P     
208 O OP1   . DC D 3 ? 0.6494 0.6401 0.6407 0.0289  0.0327  -0.0334 11 DC D OP1   
209 O OP2   . DC D 3 ? 0.6033 0.5926 0.5938 0.0290  0.0328  -0.0335 11 DC D OP2   
210 O "O5'" . DC D 3 ? 0.4179 0.4090 0.4087 0.0291  0.0318  -0.0336 11 DC D "O5'" 
211 C "C5'" . DC D 3 ? 0.4365 0.4278 0.4271 0.0291  0.0312  -0.0338 11 DC D "C5'" 
212 C "C4'" . DC D 3 ? 0.1728 0.1651 0.1635 0.0291  0.0305  -0.0338 11 DC D "C4'" 
213 O "O4'" . DC D 3 ? 0.1396 0.1325 0.1306 0.0290  0.0306  -0.0336 11 DC D "O4'" 
214 C "C3'" . DC D 3 ? 0.1834 0.1764 0.1743 0.0292  0.0301  -0.0340 11 DC D "C3'" 
215 O "O3'" . DC D 3 ? 0.3048 0.2988 0.2957 0.0290  0.0290  -0.0341 11 DC D "O3'" 
216 C "C2'" . DC D 3 ? 0.1011 0.0946 0.0921 0.0292  0.0300  -0.0339 11 DC D "C2'" 
217 C "C1'" . DC D 3 ? 0.0985 0.0922 0.0896 0.0291  0.0301  -0.0337 11 DC D "C1'" 
218 N N1    . DC D 3 ? 0.0986 0.0924 0.0899 0.0291  0.0304  -0.0336 11 DC D N1    
219 C C2    . DC D 3 ? 0.0975 0.0925 0.0890 0.0292  0.0297  -0.0335 11 DC D C2    
220 O O2    . DC D 3 ? 0.1172 0.1132 0.1088 0.0290  0.0287  -0.0335 11 DC D O2    
221 N N3    . DC D 3 ? 0.1562 0.1515 0.1478 0.0292  0.0299  -0.0334 11 DC D N3    
222 C C4    . DC D 3 ? 0.2467 0.2413 0.2386 0.0292  0.0308  -0.0334 11 DC D C4    
223 N N4    . DC D 3 ? 0.3672 0.3622 0.3594 0.0293  0.0309  -0.0334 11 DC D N4    
224 C C5    . DC D 3 ? 0.1223 0.1161 0.1143 0.0291  0.0313  -0.0335 11 DC D C5    
225 C C6    . DC D 3 ? 0.1061 0.0994 0.0975 0.0291  0.0311  -0.0335 11 DC D C6    
226 P P     . DA D 4 ? 0.3304 0.3241 0.3212 0.0289  0.0287  -0.0343 12 DA D P     
227 O OP1   . DA D 4 ? 0.6015 0.5940 0.5919 0.0292  0.0296  -0.0343 12 DA D OP1   
228 O OP2   . DA D 4 ? 0.1759 0.1708 0.1671 0.0288  0.0276  -0.0345 12 DA D OP2   
229 O "O5'" . DA D 4 ? 0.1534 0.1470 0.1441 0.0288  0.0286  -0.0344 12 DA D "O5'" 
230 C "C5'" . DA D 4 ? 0.1311 0.1255 0.1222 0.0287  0.0283  -0.0343 12 DA D "C5'" 
231 C "C4'" . DA D 4 ? 0.0982 0.0917 0.0889 0.0288  0.0289  -0.0342 12 DA D "C4'" 
232 O "O4'" . DA D 4 ? 0.1238 0.1163 0.1143 0.0290  0.0299  -0.0341 12 DA D "O4'" 
233 C "C3'" . DA D 4 ? 0.3030 0.2974 0.2942 0.0286  0.0283  -0.0343 12 DA D "C3'" 
234 O "O3'" . DA D 4 ? 0.4254 0.4204 0.4170 0.0284  0.0275  -0.0347 12 DA D "O3'" 
235 C "C2'" . DA D 4 ? 0.1217 0.1151 0.1126 0.0288  0.0291  -0.0341 12 DA D "C2'" 
236 C "C1'" . DA D 4 ? 0.1245 0.1167 0.1150 0.0290  0.0301  -0.0339 12 DA D "C1'" 
237 N N9    . DA D 4 ? 0.1348 0.1270 0.1254 0.0290  0.0305  -0.0336 12 DA D N9    
238 C C8    . DA D 4 ? 0.1444 0.1358 0.1347 0.0290  0.0311  -0.0334 12 DA D C8    
239 N N7    . DA D 4 ? 0.2435 0.2352 0.2341 0.0289  0.0313  -0.0332 12 DA D N7    
240 C C5    . DA D 4 ? 0.0992 0.0920 0.0902 0.0289  0.0307  -0.0333 12 DA D C5    
241 C C6    . DA D 4 ? 0.2728 0.2662 0.2641 0.0289  0.0306  -0.0333 12 DA D C6    
242 N N6    . DA D 4 ? 0.1493 0.1425 0.1407 0.0288  0.0310  -0.0331 12 DA D N6    
243 N N1    . DA D 4 ? 0.4145 0.4088 0.4058 0.0288  0.0298  -0.0334 12 DA D N1    
244 C C2    . DA D 4 ? 0.2716 0.2662 0.2629 0.0288  0.0292  -0.0336 12 DA D C2    
245 N N3    . DA D 4 ? 0.2712 0.2652 0.2623 0.0289  0.0294  -0.0337 12 DA D N3    
246 C C4    . DA D 4 ? 0.0987 0.0918 0.0896 0.0290  0.0302  -0.0336 12 DA D C4    
# 
loop_
_pdbx_poly_seq_scheme.asym_id 
_pdbx_poly_seq_scheme.entity_id 
_pdbx_poly_seq_scheme.seq_id 
_pdbx_poly_seq_scheme.mon_id 
_pdbx_poly_seq_scheme.ndb_seq_num 
_pdbx_poly_seq_scheme.pdb_seq_num 
_pdbx_poly_seq_scheme.auth_seq_num 
_pdbx_poly_seq_scheme.pdb_mon_id 
_pdbx_poly_seq_scheme.auth_mon_id 
_pdbx_poly_seq_scheme.pdb_strand_id 
_pdbx_poly_seq_scheme.pdb_ins_code 
_pdbx_poly_seq_scheme.hetero 
A 1 1 DT 1 1  1  DT DT A . n 
A 1 2 DG 2 2  2  DG DG A . n 
B 2 1 DC 1 3  3  DC DC B . n 
B 2 2 DA 2 4  4  DA DA B . n 
C 3 1 DT 1 5  5  DT DT C . n 
C 3 2 DG 2 6  6  DG DG C . n 
C 3 3 DT 3 7  7  DT DT C . n 
C 3 4 DG 4 8  8  DG DG C . n 
D 4 1 DC 1 9  9  DC DC D . n 
D 4 2 DA 2 10 10 DA DA D . n 
D 4 3 DC 3 11 11 DC DC D . n 
D 4 4 DA 4 12 12 DA DA D . n 
# 
loop_
_pdbx_nonpoly_scheme.asym_id 
_pdbx_nonpoly_scheme.entity_id 
_pdbx_nonpoly_scheme.mon_id 
_pdbx_nonpoly_scheme.ndb_seq_num 
_pdbx_nonpoly_scheme.pdb_seq_num 
_pdbx_nonpoly_scheme.auth_seq_num 
_pdbx_nonpoly_scheme.pdb_mon_id 
_pdbx_nonpoly_scheme.auth_mon_id 
_pdbx_nonpoly_scheme.pdb_strand_id 
_pdbx_nonpoly_scheme.pdb_ins_code 
E 5 HOH 1 101 3 HOH HOH B . 
F 5 HOH 1 101 2 HOH HOH D . 
F 5 HOH 2 102 1 HOH HOH D . 
# 
loop_
_pdbx_struct_assembly.id 
_pdbx_struct_assembly.details 
_pdbx_struct_assembly.method_details 
_pdbx_struct_assembly.oligomeric_details 
_pdbx_struct_assembly.oligomeric_count 
1 author_and_software_defined_assembly PISA dimeric 2 
2 author_and_software_defined_assembly PISA dimeric 2 
# 
loop_
_pdbx_struct_assembly_gen.assembly_id 
_pdbx_struct_assembly_gen.oper_expression 
_pdbx_struct_assembly_gen.asym_id_list 
1 1 A,B,E 
2 1 C,D,F 
# 
loop_
_pdbx_struct_assembly_prop.biol_id 
_pdbx_struct_assembly_prop.type 
_pdbx_struct_assembly_prop.value 
_pdbx_struct_assembly_prop.details 
1 'ABSA (A^2)' 240  ? 
1 MORE         -2   ? 
1 'SSA (A^2)'  1120 ? 
2 'ABSA (A^2)' 460  ? 
2 MORE         -5   ? 
2 'SSA (A^2)'  1760 ? 
# 
_pdbx_struct_oper_list.id                   1 
_pdbx_struct_oper_list.type                 'identity operation' 
_pdbx_struct_oper_list.name                 1_555 
_pdbx_struct_oper_list.symmetry_operation   x,y,z 
_pdbx_struct_oper_list.matrix[1][1]         1.0000000000 
_pdbx_struct_oper_list.matrix[1][2]         0.0000000000 
_pdbx_struct_oper_list.matrix[1][3]         0.0000000000 
_pdbx_struct_oper_list.vector[1]            0.0000000000 
_pdbx_struct_oper_list.matrix[2][1]         0.0000000000 
_pdbx_struct_oper_list.matrix[2][2]         1.0000000000 
_pdbx_struct_oper_list.matrix[2][3]         0.0000000000 
_pdbx_struct_oper_list.vector[2]            0.0000000000 
_pdbx_struct_oper_list.matrix[3][1]         0.0000000000 
_pdbx_struct_oper_list.matrix[3][2]         0.0000000000 
_pdbx_struct_oper_list.matrix[3][3]         1.0000000000 
_pdbx_struct_oper_list.vector[3]            0.0000000000 
# 
loop_
_pdbx_audit_revision_history.ordinal 
_pdbx_audit_revision_history.data_content_type 
_pdbx_audit_revision_history.major_revision 
_pdbx_audit_revision_history.minor_revision 
_pdbx_audit_revision_history.revision_date 
1 'Structure model' 1 0 2019-01-16 
2 'Structure model' 1 1 2019-01-30 
3 'Structure model' 1 2 2019-05-22 
4 'Structure model' 1 3 2023-11-22 
# 
_pdbx_audit_revision_details.ordinal             1 
_pdbx_audit_revision_details.revision_ordinal    1 
_pdbx_audit_revision_details.data_content_type   'Structure model' 
_pdbx_audit_revision_details.provider            repository 
_pdbx_audit_revision_details.type                'Initial release' 
_pdbx_audit_revision_details.description         ? 
_pdbx_audit_revision_details.details             ? 
# 
loop_
_pdbx_audit_revision_group.ordinal 
_pdbx_audit_revision_group.revision_ordinal 
_pdbx_audit_revision_group.data_content_type 
_pdbx_audit_revision_group.group 
1 2 'Structure model' 'Data collection'        
2 2 'Structure model' 'Database references'    
3 3 'Structure model' 'Data collection'        
4 3 'Structure model' 'Database references'    
5 4 'Structure model' 'Data collection'        
6 4 'Structure model' 'Database references'    
7 4 'Structure model' 'Refinement description' 
# 
loop_
_pdbx_audit_revision_category.ordinal 
_pdbx_audit_revision_category.revision_ordinal 
_pdbx_audit_revision_category.data_content_type 
_pdbx_audit_revision_category.category 
1 2 'Structure model' citation                      
2 2 'Structure model' pdbx_related_exp_data_set     
3 3 'Structure model' citation                      
4 4 'Structure model' chem_comp_atom                
5 4 'Structure model' chem_comp_bond                
6 4 'Structure model' database_2                    
7 4 'Structure model' pdbx_initial_refinement_model 
# 
loop_
_pdbx_audit_revision_item.ordinal 
_pdbx_audit_revision_item.revision_ordinal 
_pdbx_audit_revision_item.data_content_type 
_pdbx_audit_revision_item.item 
1 2 'Structure model' '_citation.title'                     
2 3 'Structure model' '_citation.journal_id_ISSN'           
3 3 'Structure model' '_citation.journal_volume'            
4 3 'Structure model' '_citation.page_first'                
5 3 'Structure model' '_citation.page_last'                 
6 3 'Structure model' '_citation.year'                      
7 4 'Structure model' '_database_2.pdbx_DOI'                
8 4 'Structure model' '_database_2.pdbx_database_accession' 
# 
loop_
_pdbx_refine_tls.pdbx_refine_id 
_pdbx_refine_tls.id 
_pdbx_refine_tls.details 
_pdbx_refine_tls.method 
_pdbx_refine_tls.origin_x 
_pdbx_refine_tls.origin_y 
_pdbx_refine_tls.origin_z 
_pdbx_refine_tls.T[1][1] 
_pdbx_refine_tls.T[2][2] 
_pdbx_refine_tls.T[3][3] 
_pdbx_refine_tls.T[1][2] 
_pdbx_refine_tls.T[1][3] 
_pdbx_refine_tls.T[2][3] 
_pdbx_refine_tls.L[1][1] 
_pdbx_refine_tls.L[2][2] 
_pdbx_refine_tls.L[3][3] 
_pdbx_refine_tls.L[1][2] 
_pdbx_refine_tls.L[1][3] 
_pdbx_refine_tls.L[2][3] 
_pdbx_refine_tls.S[1][1] 
_pdbx_refine_tls.S[2][2] 
_pdbx_refine_tls.S[3][3] 
_pdbx_refine_tls.S[1][2] 
_pdbx_refine_tls.S[1][3] 
_pdbx_refine_tls.S[2][3] 
_pdbx_refine_tls.S[2][1] 
_pdbx_refine_tls.S[3][1] 
_pdbx_refine_tls.S[3][2] 
'X-RAY DIFFRACTION' 1 ? refined -9.7883 7.1085  -9.0696 0.4989 0.1041  -0.0822 0.0469  0.0492  -0.1518 0.0029  0.0209 0.0351 -0.0076 0.0076  -0.0264 -0.0162 -0.0190 -0.0250 -0.0033 0.0435  -0.0008 -0.0164 -0.0348 0.0037 
'X-RAY DIFFRACTION' 2 ? refined -8.1483 -1.8452 -6.4925 0.2516 0.0359  0.3648  0.1562  -0.0833 -0.0631 0.0407  0.0452 0.1373 0.0389  0.0333  0.0006  -0.0267 -0.0029 -0.0149 -0.0099 -0.0113 -0.0124 0.0139  0.0254  0.0247 
'X-RAY DIFFRACTION' 3 ? refined 5.9057  2.4263  4.0020  0.1552 0.0606  -0.0884 -0.0194 -0.0124 -0.0133 -0.0005 0.0120 0.0622 -0.0011 -0.0007 0.0260  -0.0300 -0.0087 -0.0366 -0.0325 0.0158  -0.0067 -0.0005 -0.0128 0.0117 
'X-RAY DIFFRACTION' 4 ? refined 2.8469  -5.1795 3.6238  0.0071 -0.0095 -0.0345 0.1508  0.1404  -0.1713 0.0187  0.0178 0.0167 0.0173  0.0094  0.0021  -0.0177 -0.0241 -0.0092 -0.0070 -0.0137 -0.0105 -0.0051 0.0473  0.0093  
# 
loop_
_pdbx_refine_tls_group.pdbx_refine_id 
_pdbx_refine_tls_group.id 
_pdbx_refine_tls_group.refine_tls_id 
_pdbx_refine_tls_group.beg_auth_asym_id 
_pdbx_refine_tls_group.beg_auth_seq_id 
_pdbx_refine_tls_group.end_auth_asym_id 
_pdbx_refine_tls_group.end_auth_seq_id 
_pdbx_refine_tls_group.selection_details 
_pdbx_refine_tls_group.beg_label_asym_id 
_pdbx_refine_tls_group.beg_label_seq_id 
_pdbx_refine_tls_group.end_label_asym_id 
_pdbx_refine_tls_group.end_label_seq_id 
_pdbx_refine_tls_group.selection 
'X-RAY DIFFRACTION' 1 1 A 1 A 2  
;chain 'A' and (resid 1 through 2 )
;
? ? ? ? ? 
'X-RAY DIFFRACTION' 2 2 B 3 B 4  
;chain 'B' and (resid 3 through 4 )
;
? ? ? ? ? 
'X-RAY DIFFRACTION' 3 3 C 5 C 8  
;chain 'C' and (resid 5 through 8 )
;
? ? ? ? ? 
'X-RAY DIFFRACTION' 4 4 D 9 D 12 
;chain 'D' and (resid 9 through 12 )
;
? ? ? ? ? 
# 
_pdbx_phasing_MR.entry_id                     6A1O 
_pdbx_phasing_MR.method_rotation              ? 
_pdbx_phasing_MR.method_translation           ? 
_pdbx_phasing_MR.model_details                ? 
_pdbx_phasing_MR.R_factor                     ? 
_pdbx_phasing_MR.R_rigid_body                 ? 
_pdbx_phasing_MR.correlation_coeff_Fo_to_Fc   ? 
_pdbx_phasing_MR.correlation_coeff_Io_to_Ic   ? 
_pdbx_phasing_MR.d_res_high_rotation          3.000 
_pdbx_phasing_MR.d_res_low_rotation           14.630 
_pdbx_phasing_MR.d_res_high_translation       3.000 
_pdbx_phasing_MR.d_res_low_translation        14.630 
_pdbx_phasing_MR.packing                      ? 
_pdbx_phasing_MR.reflns_percent_rotation      ? 
_pdbx_phasing_MR.reflns_percent_translation   ? 
_pdbx_phasing_MR.sigma_F_rotation             ? 
_pdbx_phasing_MR.sigma_F_translation          ? 
_pdbx_phasing_MR.sigma_I_rotation             ? 
_pdbx_phasing_MR.sigma_I_translation          ? 
# 
_phasing.method   MR 
# 
loop_
_software.citation_id 
_software.classification 
_software.compiler_name 
_software.compiler_version 
_software.contact_author 
_software.contact_author_email 
_software.date 
_software.description 
_software.dependencies 
_software.hardware 
_software.language 
_software.location 
_software.mods 
_software.name 
_software.os 
_software.os_version 
_software.type 
_software.version 
_software.pdbx_ordinal 
? 'data reduction'  ? ? ? ? ? ? ? ? ? ? ? XDS         ? ? ? GPLv2       1 
? 'data scaling'    ? ? ? ? ? ? ? ? ? ? ? XDS         ? ? ? GPLv2       2 
? phasing           ? ? ? ? ? ? ? ? ? ? ? PHASER      ? ? ? 2.6.0       3 
? refinement        ? ? ? ? ? ? ? ? ? ? ? PHENIX      ? ? ? 1.10.1-2155 4 
? 'data extraction' ? ? ? ? ? ? ? ? ? ? ? PDB_EXTRACT ? ? ? 3.24        5 
# 
loop_
_pdbx_validate_symm_contact.id 
_pdbx_validate_symm_contact.PDB_model_num 
_pdbx_validate_symm_contact.auth_atom_id_1 
_pdbx_validate_symm_contact.auth_asym_id_1 
_pdbx_validate_symm_contact.auth_comp_id_1 
_pdbx_validate_symm_contact.auth_seq_id_1 
_pdbx_validate_symm_contact.PDB_ins_code_1 
_pdbx_validate_symm_contact.label_alt_id_1 
_pdbx_validate_symm_contact.site_symmetry_1 
_pdbx_validate_symm_contact.auth_atom_id_2 
_pdbx_validate_symm_contact.auth_asym_id_2 
_pdbx_validate_symm_contact.auth_comp_id_2 
_pdbx_validate_symm_contact.auth_seq_id_2 
_pdbx_validate_symm_contact.PDB_ins_code_2 
_pdbx_validate_symm_contact.label_alt_id_2 
_pdbx_validate_symm_contact.site_symmetry_2 
_pdbx_validate_symm_contact.dist 
1 1 P     B DC 3 ? ? 1_555 "O3'" B DA 4  ? ? 6_654 0.72 
2 1 P     A DT 1 ? ? 1_555 "O3'" A DG 2  ? ? 5_565 0.98 
3 1 OP2   A DT 1 ? ? 1_555 "O3'" A DG 2  ? ? 5_565 1.46 
4 1 OP1   B DC 3 ? ? 1_555 "O3'" B DA 4  ? ? 6_654 1.67 
5 1 P     D DC 9 ? ? 1_555 "O3'" D DA 12 ? ? 2_864 1.74 
6 1 "O5'" B DC 3 ? ? 1_555 "O3'" B DA 4  ? ? 6_654 1.80 
7 1 OP1   D DC 9 ? ? 1_555 "O3'" D DA 12 ? ? 2_864 1.92 
8 1 P     C DT 5 ? ? 1_555 "O3'" C DG 8  ? ? 3_785 2.05 
# 
loop_
_chem_comp_atom.comp_id 
_chem_comp_atom.atom_id 
_chem_comp_atom.type_symbol 
_chem_comp_atom.pdbx_aromatic_flag 
_chem_comp_atom.pdbx_stereo_config 
_chem_comp_atom.pdbx_ordinal 
DA  OP3    O N N 1   
DA  P      P N N 2   
DA  OP1    O N N 3   
DA  OP2    O N N 4   
DA  "O5'"  O N N 5   
DA  "C5'"  C N N 6   
DA  "C4'"  C N R 7   
DA  "O4'"  O N N 8   
DA  "C3'"  C N S 9   
DA  "O3'"  O N N 10  
DA  "C2'"  C N N 11  
DA  "C1'"  C N R 12  
DA  N9     N Y N 13  
DA  C8     C Y N 14  
DA  N7     N Y N 15  
DA  C5     C Y N 16  
DA  C6     C Y N 17  
DA  N6     N N N 18  
DA  N1     N Y N 19  
DA  C2     C Y N 20  
DA  N3     N Y N 21  
DA  C4     C Y N 22  
DA  HOP3   H N N 23  
DA  HOP2   H N N 24  
DA  "H5'"  H N N 25  
DA  "H5''" H N N 26  
DA  "H4'"  H N N 27  
DA  "H3'"  H N N 28  
DA  "HO3'" H N N 29  
DA  "H2'"  H N N 30  
DA  "H2''" H N N 31  
DA  "H1'"  H N N 32  
DA  H8     H N N 33  
DA  H61    H N N 34  
DA  H62    H N N 35  
DA  H2     H N N 36  
DC  OP3    O N N 37  
DC  P      P N N 38  
DC  OP1    O N N 39  
DC  OP2    O N N 40  
DC  "O5'"  O N N 41  
DC  "C5'"  C N N 42  
DC  "C4'"  C N R 43  
DC  "O4'"  O N N 44  
DC  "C3'"  C N S 45  
DC  "O3'"  O N N 46  
DC  "C2'"  C N N 47  
DC  "C1'"  C N R 48  
DC  N1     N N N 49  
DC  C2     C N N 50  
DC  O2     O N N 51  
DC  N3     N N N 52  
DC  C4     C N N 53  
DC  N4     N N N 54  
DC  C5     C N N 55  
DC  C6     C N N 56  
DC  HOP3   H N N 57  
DC  HOP2   H N N 58  
DC  "H5'"  H N N 59  
DC  "H5''" H N N 60  
DC  "H4'"  H N N 61  
DC  "H3'"  H N N 62  
DC  "HO3'" H N N 63  
DC  "H2'"  H N N 64  
DC  "H2''" H N N 65  
DC  "H1'"  H N N 66  
DC  H41    H N N 67  
DC  H42    H N N 68  
DC  H5     H N N 69  
DC  H6     H N N 70  
DG  OP3    O N N 71  
DG  P      P N N 72  
DG  OP1    O N N 73  
DG  OP2    O N N 74  
DG  "O5'"  O N N 75  
DG  "C5'"  C N N 76  
DG  "C4'"  C N R 77  
DG  "O4'"  O N N 78  
DG  "C3'"  C N S 79  
DG  "O3'"  O N N 80  
DG  "C2'"  C N N 81  
DG  "C1'"  C N R 82  
DG  N9     N Y N 83  
DG  C8     C Y N 84  
DG  N7     N Y N 85  
DG  C5     C Y N 86  
DG  C6     C N N 87  
DG  O6     O N N 88  
DG  N1     N N N 89  
DG  C2     C N N 90  
DG  N2     N N N 91  
DG  N3     N N N 92  
DG  C4     C Y N 93  
DG  HOP3   H N N 94  
DG  HOP2   H N N 95  
DG  "H5'"  H N N 96  
DG  "H5''" H N N 97  
DG  "H4'"  H N N 98  
DG  "H3'"  H N N 99  
DG  "HO3'" H N N 100 
DG  "H2'"  H N N 101 
DG  "H2''" H N N 102 
DG  "H1'"  H N N 103 
DG  H8     H N N 104 
DG  H1     H N N 105 
DG  H21    H N N 106 
DG  H22    H N N 107 
DT  OP3    O N N 108 
DT  P      P N N 109 
DT  OP1    O N N 110 
DT  OP2    O N N 111 
DT  "O5'"  O N N 112 
DT  "C5'"  C N N 113 
DT  "C4'"  C N R 114 
DT  "O4'"  O N N 115 
DT  "C3'"  C N S 116 
DT  "O3'"  O N N 117 
DT  "C2'"  C N N 118 
DT  "C1'"  C N R 119 
DT  N1     N N N 120 
DT  C2     C N N 121 
DT  O2     O N N 122 
DT  N3     N N N 123 
DT  C4     C N N 124 
DT  O4     O N N 125 
DT  C5     C N N 126 
DT  C7     C N N 127 
DT  C6     C N N 128 
DT  HOP3   H N N 129 
DT  HOP2   H N N 130 
DT  "H5'"  H N N 131 
DT  "H5''" H N N 132 
DT  "H4'"  H N N 133 
DT  "H3'"  H N N 134 
DT  "HO3'" H N N 135 
DT  "H2'"  H N N 136 
DT  "H2''" H N N 137 
DT  "H1'"  H N N 138 
DT  H3     H N N 139 
DT  H71    H N N 140 
DT  H72    H N N 141 
DT  H73    H N N 142 
DT  H6     H N N 143 
HOH O      O N N 144 
HOH H1     H N N 145 
HOH H2     H N N 146 
# 
loop_
_chem_comp_bond.comp_id 
_chem_comp_bond.atom_id_1 
_chem_comp_bond.atom_id_2 
_chem_comp_bond.value_order 
_chem_comp_bond.pdbx_aromatic_flag 
_chem_comp_bond.pdbx_stereo_config 
_chem_comp_bond.pdbx_ordinal 
DA  OP3   P      sing N N 1   
DA  OP3   HOP3   sing N N 2   
DA  P     OP1    doub N N 3   
DA  P     OP2    sing N N 4   
DA  P     "O5'"  sing N N 5   
DA  OP2   HOP2   sing N N 6   
DA  "O5'" "C5'"  sing N N 7   
DA  "C5'" "C4'"  sing N N 8   
DA  "C5'" "H5'"  sing N N 9   
DA  "C5'" "H5''" sing N N 10  
DA  "C4'" "O4'"  sing N N 11  
DA  "C4'" "C3'"  sing N N 12  
DA  "C4'" "H4'"  sing N N 13  
DA  "O4'" "C1'"  sing N N 14  
DA  "C3'" "O3'"  sing N N 15  
DA  "C3'" "C2'"  sing N N 16  
DA  "C3'" "H3'"  sing N N 17  
DA  "O3'" "HO3'" sing N N 18  
DA  "C2'" "C1'"  sing N N 19  
DA  "C2'" "H2'"  sing N N 20  
DA  "C2'" "H2''" sing N N 21  
DA  "C1'" N9     sing N N 22  
DA  "C1'" "H1'"  sing N N 23  
DA  N9    C8     sing Y N 24  
DA  N9    C4     sing Y N 25  
DA  C8    N7     doub Y N 26  
DA  C8    H8     sing N N 27  
DA  N7    C5     sing Y N 28  
DA  C5    C6     sing Y N 29  
DA  C5    C4     doub Y N 30  
DA  C6    N6     sing N N 31  
DA  C6    N1     doub Y N 32  
DA  N6    H61    sing N N 33  
DA  N6    H62    sing N N 34  
DA  N1    C2     sing Y N 35  
DA  C2    N3     doub Y N 36  
DA  C2    H2     sing N N 37  
DA  N3    C4     sing Y N 38  
DC  OP3   P      sing N N 39  
DC  OP3   HOP3   sing N N 40  
DC  P     OP1    doub N N 41  
DC  P     OP2    sing N N 42  
DC  P     "O5'"  sing N N 43  
DC  OP2   HOP2   sing N N 44  
DC  "O5'" "C5'"  sing N N 45  
DC  "C5'" "C4'"  sing N N 46  
DC  "C5'" "H5'"  sing N N 47  
DC  "C5'" "H5''" sing N N 48  
DC  "C4'" "O4'"  sing N N 49  
DC  "C4'" "C3'"  sing N N 50  
DC  "C4'" "H4'"  sing N N 51  
DC  "O4'" "C1'"  sing N N 52  
DC  "C3'" "O3'"  sing N N 53  
DC  "C3'" "C2'"  sing N N 54  
DC  "C3'" "H3'"  sing N N 55  
DC  "O3'" "HO3'" sing N N 56  
DC  "C2'" "C1'"  sing N N 57  
DC  "C2'" "H2'"  sing N N 58  
DC  "C2'" "H2''" sing N N 59  
DC  "C1'" N1     sing N N 60  
DC  "C1'" "H1'"  sing N N 61  
DC  N1    C2     sing N N 62  
DC  N1    C6     sing N N 63  
DC  C2    O2     doub N N 64  
DC  C2    N3     sing N N 65  
DC  N3    C4     doub N N 66  
DC  C4    N4     sing N N 67  
DC  C4    C5     sing N N 68  
DC  N4    H41    sing N N 69  
DC  N4    H42    sing N N 70  
DC  C5    C6     doub N N 71  
DC  C5    H5     sing N N 72  
DC  C6    H6     sing N N 73  
DG  OP3   P      sing N N 74  
DG  OP3   HOP3   sing N N 75  
DG  P     OP1    doub N N 76  
DG  P     OP2    sing N N 77  
DG  P     "O5'"  sing N N 78  
DG  OP2   HOP2   sing N N 79  
DG  "O5'" "C5'"  sing N N 80  
DG  "C5'" "C4'"  sing N N 81  
DG  "C5'" "H5'"  sing N N 82  
DG  "C5'" "H5''" sing N N 83  
DG  "C4'" "O4'"  sing N N 84  
DG  "C4'" "C3'"  sing N N 85  
DG  "C4'" "H4'"  sing N N 86  
DG  "O4'" "C1'"  sing N N 87  
DG  "C3'" "O3'"  sing N N 88  
DG  "C3'" "C2'"  sing N N 89  
DG  "C3'" "H3'"  sing N N 90  
DG  "O3'" "HO3'" sing N N 91  
DG  "C2'" "C1'"  sing N N 92  
DG  "C2'" "H2'"  sing N N 93  
DG  "C2'" "H2''" sing N N 94  
DG  "C1'" N9     sing N N 95  
DG  "C1'" "H1'"  sing N N 96  
DG  N9    C8     sing Y N 97  
DG  N9    C4     sing Y N 98  
DG  C8    N7     doub Y N 99  
DG  C8    H8     sing N N 100 
DG  N7    C5     sing Y N 101 
DG  C5    C6     sing N N 102 
DG  C5    C4     doub Y N 103 
DG  C6    O6     doub N N 104 
DG  C6    N1     sing N N 105 
DG  N1    C2     sing N N 106 
DG  N1    H1     sing N N 107 
DG  C2    N2     sing N N 108 
DG  C2    N3     doub N N 109 
DG  N2    H21    sing N N 110 
DG  N2    H22    sing N N 111 
DG  N3    C4     sing N N 112 
DT  OP3   P      sing N N 113 
DT  OP3   HOP3   sing N N 114 
DT  P     OP1    doub N N 115 
DT  P     OP2    sing N N 116 
DT  P     "O5'"  sing N N 117 
DT  OP2   HOP2   sing N N 118 
DT  "O5'" "C5'"  sing N N 119 
DT  "C5'" "C4'"  sing N N 120 
DT  "C5'" "H5'"  sing N N 121 
DT  "C5'" "H5''" sing N N 122 
DT  "C4'" "O4'"  sing N N 123 
DT  "C4'" "C3'"  sing N N 124 
DT  "C4'" "H4'"  sing N N 125 
DT  "O4'" "C1'"  sing N N 126 
DT  "C3'" "O3'"  sing N N 127 
DT  "C3'" "C2'"  sing N N 128 
DT  "C3'" "H3'"  sing N N 129 
DT  "O3'" "HO3'" sing N N 130 
DT  "C2'" "C1'"  sing N N 131 
DT  "C2'" "H2'"  sing N N 132 
DT  "C2'" "H2''" sing N N 133 
DT  "C1'" N1     sing N N 134 
DT  "C1'" "H1'"  sing N N 135 
DT  N1    C2     sing N N 136 
DT  N1    C6     sing N N 137 
DT  C2    O2     doub N N 138 
DT  C2    N3     sing N N 139 
DT  N3    C4     sing N N 140 
DT  N3    H3     sing N N 141 
DT  C4    O4     doub N N 142 
DT  C4    C5     sing N N 143 
DT  C5    C7     sing N N 144 
DT  C5    C6     doub N N 145 
DT  C7    H71    sing N N 146 
DT  C7    H72    sing N N 147 
DT  C7    H73    sing N N 148 
DT  C6    H6     sing N N 149 
HOH O     H1     sing N N 150 
HOH O     H2     sing N N 151 
# 
_ndb_struct_conf_na.entry_id   6A1O 
_ndb_struct_conf_na.feature    'z-form double helix' 
# 
loop_
_ndb_struct_na_base_pair.model_number 
_ndb_struct_na_base_pair.i_label_asym_id 
_ndb_struct_na_base_pair.i_label_comp_id 
_ndb_struct_na_base_pair.i_label_seq_id 
_ndb_struct_na_base_pair.i_symmetry 
_ndb_struct_na_base_pair.j_label_asym_id 
_ndb_struct_na_base_pair.j_label_comp_id 
_ndb_struct_na_base_pair.j_label_seq_id 
_ndb_struct_na_base_pair.j_symmetry 
_ndb_struct_na_base_pair.shear 
_ndb_struct_na_base_pair.stretch 
_ndb_struct_na_base_pair.stagger 
_ndb_struct_na_base_pair.buckle 
_ndb_struct_na_base_pair.propeller 
_ndb_struct_na_base_pair.opening 
_ndb_struct_na_base_pair.pair_number 
_ndb_struct_na_base_pair.pair_name 
_ndb_struct_na_base_pair.i_auth_asym_id 
_ndb_struct_na_base_pair.i_auth_seq_id 
_ndb_struct_na_base_pair.i_PDB_ins_code 
_ndb_struct_na_base_pair.j_auth_asym_id 
_ndb_struct_na_base_pair.j_auth_seq_id 
_ndb_struct_na_base_pair.j_PDB_ins_code 
_ndb_struct_na_base_pair.hbond_type_28 
_ndb_struct_na_base_pair.hbond_type_12 
1 A DT 1 1_555 B DA 2 1_555 -0.219 -0.224 0.968  11.032 3.236  0.737  1 A_DT1:DA4_B  A 1 ? B 4  ? 20 1 
1 A DG 2 1_555 B DC 1 1_555 0.422  -0.322 0.632  -1.037 0.239  8.763  2 A_DG2:DC3_B  A 2 ? B 3  ? 19 1 
1 C DT 1 1_555 D DA 4 1_555 -0.280 -0.057 -0.210 23.227 27.579 0.741  3 C_DT5:DA12_D C 5 ? D 12 ? 20 1 
1 C DG 2 1_555 D DC 3 1_555 0.344  -0.093 0.996  8.038  -0.931 1.620  4 C_DG6:DC11_D C 6 ? D 11 ? 19 1 
1 C DT 3 1_555 D DA 2 1_555 0.034  -0.188 0.059  13.119 27.955 0.734  5 C_DT7:DA10_D C 7 ? D 10 ? 20 1 
1 C DG 4 1_555 D DC 1 1_555 0.841  -0.142 0.808  1.346  5.732  -5.313 6 C_DG8:DC9_D  C 8 ? D 9  ? 19 1 
# 
loop_
_ndb_struct_na_base_pair_step.model_number 
_ndb_struct_na_base_pair_step.i_label_asym_id_1 
_ndb_struct_na_base_pair_step.i_label_comp_id_1 
_ndb_struct_na_base_pair_step.i_label_seq_id_1 
_ndb_struct_na_base_pair_step.i_symmetry_1 
_ndb_struct_na_base_pair_step.j_label_asym_id_1 
_ndb_struct_na_base_pair_step.j_label_comp_id_1 
_ndb_struct_na_base_pair_step.j_label_seq_id_1 
_ndb_struct_na_base_pair_step.j_symmetry_1 
_ndb_struct_na_base_pair_step.i_label_asym_id_2 
_ndb_struct_na_base_pair_step.i_label_comp_id_2 
_ndb_struct_na_base_pair_step.i_label_seq_id_2 
_ndb_struct_na_base_pair_step.i_symmetry_2 
_ndb_struct_na_base_pair_step.j_label_asym_id_2 
_ndb_struct_na_base_pair_step.j_label_comp_id_2 
_ndb_struct_na_base_pair_step.j_label_seq_id_2 
_ndb_struct_na_base_pair_step.j_symmetry_2 
_ndb_struct_na_base_pair_step.shift 
_ndb_struct_na_base_pair_step.slide 
_ndb_struct_na_base_pair_step.rise 
_ndb_struct_na_base_pair_step.tilt 
_ndb_struct_na_base_pair_step.roll 
_ndb_struct_na_base_pair_step.twist 
_ndb_struct_na_base_pair_step.x_displacement 
_ndb_struct_na_base_pair_step.y_displacement 
_ndb_struct_na_base_pair_step.helical_rise 
_ndb_struct_na_base_pair_step.inclination 
_ndb_struct_na_base_pair_step.tip 
_ndb_struct_na_base_pair_step.helical_twist 
_ndb_struct_na_base_pair_step.step_number 
_ndb_struct_na_base_pair_step.step_name 
_ndb_struct_na_base_pair_step.i_auth_asym_id_1 
_ndb_struct_na_base_pair_step.i_auth_seq_id_1 
_ndb_struct_na_base_pair_step.i_PDB_ins_code_1 
_ndb_struct_na_base_pair_step.j_auth_asym_id_1 
_ndb_struct_na_base_pair_step.j_auth_seq_id_1 
_ndb_struct_na_base_pair_step.j_PDB_ins_code_1 
_ndb_struct_na_base_pair_step.i_auth_asym_id_2 
_ndb_struct_na_base_pair_step.i_auth_seq_id_2 
_ndb_struct_na_base_pair_step.i_PDB_ins_code_2 
_ndb_struct_na_base_pair_step.j_auth_asym_id_2 
_ndb_struct_na_base_pair_step.j_auth_seq_id_2 
_ndb_struct_na_base_pair_step.j_PDB_ins_code_2 
1 A DT 1 1_555 B DA 2 1_555 A DG 2 1_555 B DC 1 1_555 0.596  5.094  4.262 2.327   -2.387 -11.405 -20.044 7.333   4.995  11.685  
11.395  -11.881 1 AA_DT1DG2:DC3DA4_BB   A 1 ? B 4  ? A 2 ? B 3  ? 
1 C DT 1 1_555 D DA 4 1_555 C DG 2 1_555 D DC 3 1_555 -0.258 5.162  3.896 -10.423 3.737  -7.019  -26.124 -10.897 0.415  -19.483 
-54.339 -13.104 2 CC_DT5DG6:DC11DA12_DD C 5 ? D 12 ? C 6 ? D 11 ? 
1 C DG 2 1_555 D DC 3 1_555 C DT 3 1_555 D DA 2 1_555 -0.074 -0.906 3.269 11.606  -6.165 -51.684 1.400   0.649   3.099  6.944   
13.073  -53.217 3 CC_DG6DT7:DA10DC11_DD C 6 ? D 11 ? C 7 ? D 10 ? 
1 C DT 3 1_555 D DA 2 1_555 C DG 4 1_555 D DC 1 1_555 -0.213 5.391  4.084 -5.924  7.042  -8.210  -30.892 -5.861  -0.454 -36.999 
-31.124 -12.327 4 CC_DT7DG8:DC9DA10_DD  C 7 ? D 10 ? C 8 ? D 9  ? 
# 
_pdbx_entity_nonpoly.entity_id   5 
_pdbx_entity_nonpoly.name        water 
_pdbx_entity_nonpoly.comp_id     HOH 
# 
_pdbx_initial_refinement_model.id               1 
_pdbx_initial_refinement_model.entity_id_list   ? 
_pdbx_initial_refinement_model.type             'experimental model' 
_pdbx_initial_refinement_model.source_name      PDB 
_pdbx_initial_refinement_model.accession_code   1D53 
_pdbx_initial_refinement_model.details          ? 
# 
_pdbx_reflns_twin.domain_id                    1 
_pdbx_reflns_twin.crystal_id                   1 
_pdbx_reflns_twin.diffrn_id                    1 
_pdbx_reflns_twin.fraction                     0.510 
_pdbx_reflns_twin.operator                     h,-h-k,-l 
_pdbx_reflns_twin.type                         ? 
_pdbx_reflns_twin.mean_F_square_over_mean_F2   ? 
_pdbx_reflns_twin.mean_I2_over_mean_I_square   ? 
# 
_pdbx_related_exp_data_set.data_reference       10.5281/zenodo.2546741 
_pdbx_related_exp_data_set.data_set_type        'diffraction image data' 
_pdbx_related_exp_data_set.details              ? 
_pdbx_related_exp_data_set.metadata_reference   ? 
_pdbx_related_exp_data_set.ordinal              1 
# 
_pdbx_struct_assembly_auth_evidence.id                     1 
_pdbx_struct_assembly_auth_evidence.assembly_id            1 
_pdbx_struct_assembly_auth_evidence.experimental_support   none 
_pdbx_struct_assembly_auth_evidence.details                'X-ray Crystal packing nature of ZDNA disordered helices' 
# 
